data_8VEH
#
_entry.id   8VEH
#
_cell.length_a   77.802
_cell.length_b   71.403
_cell.length_c   78.502
_cell.angle_alpha   90.00
_cell.angle_beta   115.83
_cell.angle_gamma   90.00
#
_symmetry.space_group_name_H-M   'P 1 21 1'
#
loop_
_entity.id
_entity.type
_entity.pdbx_description
1 polymer 'Outer membrane lipoprotein-sorting protein LolA'
2 non-polymer 'CHLORIDE ION'
3 non-polymer GLYCINE
4 non-polymer 'TRIETHYLENE GLYCOL'
5 water water
#
_entity_poly.entity_id   1
_entity_poly.type   'polypeptide(L)'
_entity_poly.pdbx_seq_one_letter_code
;MESDDKAAILELKTYLRTMKSIAVDFTQEDSKGNIVQGKLLISKPYNFRCNYYPPFPIIIVGTKNFVSMYDYDMEQVSRI
ARDENIFNFLLEDNENFDKDFVVESVVNEKEFSRINIYHKVTERHSEITLNKANKQIELLKIFEDTNVVTIKFDNIVKVQ
KFDEDLFKLKNPEIYGVPERLTKSEIEKKYVVSSSLEHHHHHH
;
_entity_poly.pdbx_strand_id   A,B,C,D
#
loop_
_chem_comp.id
_chem_comp.type
_chem_comp.name
_chem_comp.formula
CL non-polymer 'CHLORIDE ION' 'Cl -1'
PGE non-polymer 'TRIETHYLENE GLYCOL' 'C6 H14 O4'
#
# COMPACT_ATOMS: atom_id res chain seq x y z
N ASP A 4 -39.17 16.26 12.57
CA ASP A 4 -37.75 16.19 12.24
C ASP A 4 -37.28 17.28 11.29
N ASP A 5 -36.13 17.86 11.61
CA ASP A 5 -35.54 18.90 10.78
C ASP A 5 -35.08 18.24 9.48
N LYS A 6 -36.06 17.83 8.67
CA LYS A 6 -35.79 17.16 7.39
C LYS A 6 -35.23 18.11 6.35
N ALA A 7 -35.39 19.42 6.55
CA ALA A 7 -34.89 20.39 5.59
C ALA A 7 -33.38 20.24 5.40
N ALA A 8 -32.67 19.77 6.43
CA ALA A 8 -31.23 19.60 6.28
C ALA A 8 -30.93 18.64 5.13
N ILE A 9 -31.65 17.52 5.05
CA ILE A 9 -31.39 16.60 3.95
C ILE A 9 -31.70 17.30 2.63
N LEU A 10 -32.77 18.10 2.61
CA LEU A 10 -33.12 18.81 1.39
C LEU A 10 -31.97 19.71 0.96
N GLU A 11 -31.45 20.50 1.90
CA GLU A 11 -30.35 21.38 1.54
C GLU A 11 -29.15 20.56 1.13
N LEU A 12 -28.86 19.50 1.88
CA LEU A 12 -27.72 18.66 1.57
C LEU A 12 -27.93 18.03 0.20
N LYS A 13 -29.16 17.56 -0.06
CA LYS A 13 -29.43 16.94 -1.35
C LYS A 13 -29.27 17.96 -2.46
N THR A 14 -29.71 19.20 -2.22
CA THR A 14 -29.57 20.23 -3.25
C THR A 14 -28.11 20.37 -3.66
N TYR A 15 -27.20 20.38 -2.66
CA TYR A 15 -25.80 20.56 -3.01
C TYR A 15 -25.33 19.43 -3.89
N LEU A 16 -25.71 18.20 -3.55
CA LEU A 16 -25.26 17.06 -4.33
C LEU A 16 -25.76 17.14 -5.76
N ARG A 17 -26.95 17.69 -5.98
CA ARG A 17 -27.47 17.73 -7.34
C ARG A 17 -26.81 18.84 -8.16
N THR A 18 -26.37 19.93 -7.52
CA THR A 18 -25.92 21.08 -8.30
C THR A 18 -24.41 21.20 -8.41
N MET A 19 -23.64 20.46 -7.61
CA MET A 19 -22.19 20.51 -7.65
C MET A 19 -21.60 19.31 -8.40
N LYS A 20 -21.94 19.20 -9.67
CA LYS A 20 -21.48 18.07 -10.48
C LYS A 20 -20.06 18.25 -11.00
N SER A 21 -19.64 19.49 -11.28
CA SER A 21 -18.34 19.75 -11.90
C SER A 21 -17.73 20.99 -11.24
N ILE A 22 -16.85 20.77 -10.27
CA ILE A 22 -16.29 21.85 -9.48
C ILE A 22 -14.81 21.67 -9.23
N ALA A 23 -14.16 22.78 -8.88
CA ALA A 23 -12.80 22.83 -8.38
C ALA A 23 -12.81 23.57 -7.05
N VAL A 24 -12.17 23.01 -6.04
CA VAL A 24 -12.24 23.52 -4.68
C VAL A 24 -10.81 23.72 -4.18
N ASP A 25 -10.51 24.94 -3.73
CA ASP A 25 -9.33 25.20 -2.93
C ASP A 25 -9.66 24.81 -1.50
N PHE A 26 -8.88 23.89 -0.92
CA PHE A 26 -9.19 23.35 0.39
C PHE A 26 -7.95 23.23 1.26
N THR A 27 -8.16 23.31 2.57
CA THR A 27 -7.17 23.01 3.58
C THR A 27 -7.63 21.78 4.38
N GLN A 28 -6.69 20.88 4.68
CA GLN A 28 -6.96 19.62 5.34
C GLN A 28 -6.10 19.53 6.59
N GLU A 29 -6.74 19.25 7.72
CA GLU A 29 -6.08 19.08 9.00
C GLU A 29 -6.48 17.75 9.60
N ASP A 30 -5.54 17.12 10.31
CA ASP A 30 -5.82 15.84 10.95
C ASP A 30 -5.33 15.82 12.39
N SER A 31 -5.67 14.74 13.09
CA SER A 31 -5.21 14.53 14.47
C SER A 31 -3.74 14.14 14.54
N LYS A 32 -3.16 13.67 13.45
CA LYS A 32 -1.75 13.27 13.41
C LYS A 32 -0.81 14.44 13.18
N GLY A 33 -1.34 15.66 13.03
CA GLY A 33 -0.54 16.84 12.89
C GLY A 33 -0.40 17.37 11.48
N ASN A 34 -0.81 16.63 10.46
CA ASN A 34 -0.70 17.14 9.10
C ASN A 34 -1.62 18.33 8.88
N ILE A 35 -1.09 19.36 8.22
CA ILE A 35 -1.89 20.44 7.67
C ILE A 35 -1.42 20.59 6.22
N VAL A 36 -2.34 20.47 5.27
CA VAL A 36 -1.98 20.55 3.86
C VAL A 36 -3.06 21.31 3.09
N GLN A 37 -2.65 22.01 2.03
CA GLN A 37 -3.59 22.66 1.13
C GLN A 37 -3.58 21.94 -0.20
N GLY A 38 -4.67 22.10 -0.95
CA GLY A 38 -4.75 21.43 -2.23
C GLY A 38 -5.93 21.88 -3.05
N LYS A 39 -6.01 21.32 -4.25
CA LYS A 39 -7.08 21.56 -5.20
C LYS A 39 -7.84 20.26 -5.41
N LEU A 40 -9.14 20.29 -5.19
CA LEU A 40 -10.01 19.14 -5.37
C LEU A 40 -10.89 19.37 -6.59
N LEU A 41 -10.76 18.49 -7.59
CA LEU A 41 -11.57 18.55 -8.79
C LEU A 41 -12.59 17.42 -8.74
N ILE A 42 -13.85 17.75 -8.94
CA ILE A 42 -14.93 16.77 -8.97
C ILE A 42 -15.64 16.90 -10.31
N SER A 43 -15.75 15.80 -11.04
CA SER A 43 -16.50 15.69 -12.29
C SER A 43 -17.38 14.46 -12.12
N LYS A 44 -18.56 14.64 -11.54
CA LYS A 44 -19.49 13.53 -11.41
C LYS A 44 -19.89 13.09 -12.81
N PRO A 45 -20.27 11.84 -13.00
CA PRO A 45 -20.69 10.87 -11.96
C PRO A 45 -19.60 10.22 -11.12
N TYR A 46 -18.40 9.90 -11.60
CA TYR A 46 -17.46 9.13 -10.80
C TYR A 46 -16.08 9.76 -10.67
N ASN A 47 -15.76 10.79 -11.44
CA ASN A 47 -14.37 11.22 -11.58
C ASN A 47 -14.03 12.31 -10.57
N PHE A 48 -12.88 12.18 -9.94
CA PHE A 48 -12.35 13.26 -9.11
C PHE A 48 -10.83 13.15 -9.05
N ARG A 49 -10.21 14.29 -8.73
CA ARG A 49 -8.78 14.41 -8.54
C ARG A 49 -8.50 15.27 -7.33
N CYS A 50 -7.87 14.70 -6.31
CA CYS A 50 -7.40 15.45 -5.16
C CYS A 50 -5.90 15.68 -5.35
N ASN A 51 -5.54 16.94 -5.59
CA ASN A 51 -4.20 17.37 -5.95
C ASN A 51 -3.68 18.17 -4.75
N TYR A 52 -2.98 17.48 -3.85
CA TYR A 52 -2.34 18.15 -2.73
C TYR A 52 -1.15 18.94 -3.24
N TYR A 53 -0.96 20.14 -2.72
CA TYR A 53 0.17 20.92 -3.17
C TYR A 53 1.45 20.44 -2.49
N PRO A 54 2.60 20.64 -3.12
CA PRO A 54 3.87 20.32 -2.45
C PRO A 54 3.98 21.09 -1.16
N PRO A 55 4.72 20.55 -0.17
CA PRO A 55 5.51 19.30 -0.17
C PRO A 55 4.72 18.05 0.24
N PHE A 56 3.39 18.04 0.09
CA PHE A 56 2.58 16.89 0.52
C PHE A 56 2.51 15.90 -0.63
N PRO A 57 3.36 14.86 -0.62
CA PRO A 57 3.54 14.04 -1.83
C PRO A 57 2.46 12.97 -1.99
N ILE A 58 1.27 13.40 -2.39
CA ILE A 58 0.16 12.48 -2.60
C ILE A 58 -0.73 13.08 -3.67
N ILE A 59 -1.18 12.23 -4.59
CA ILE A 59 -2.23 12.58 -5.56
C ILE A 59 -3.25 11.45 -5.50
N ILE A 60 -4.53 11.81 -5.46
CA ILE A 60 -5.58 10.80 -5.44
C ILE A 60 -6.44 11.01 -6.67
N VAL A 61 -6.61 9.96 -7.47
CA VAL A 61 -7.40 10.02 -8.69
C VAL A 61 -8.46 8.94 -8.61
N GLY A 62 -9.71 9.32 -8.79
CA GLY A 62 -10.82 8.38 -8.76
C GLY A 62 -11.59 8.45 -10.07
N THR A 63 -11.91 7.27 -10.60
CA THR A 63 -12.74 7.13 -11.79
C THR A 63 -13.81 6.08 -11.51
N LYS A 64 -14.64 5.81 -12.53
CA LYS A 64 -15.68 4.81 -12.36
C LYS A 64 -15.10 3.43 -12.06
N ASN A 65 -13.92 3.15 -12.61
CA ASN A 65 -13.30 1.84 -12.43
C ASN A 65 -12.44 1.74 -11.18
N PHE A 66 -11.76 2.81 -10.77
CA PHE A 66 -10.83 2.70 -9.67
C PHE A 66 -10.77 4.00 -8.87
N VAL A 67 -10.25 3.88 -7.64
CA VAL A 67 -9.85 5.02 -6.83
C VAL A 67 -8.45 4.70 -6.32
N SER A 68 -7.46 5.43 -6.80
CA SER A 68 -6.06 5.13 -6.51
C SER A 68 -5.35 6.35 -5.95
N MET A 69 -4.28 6.08 -5.22
CA MET A 69 -3.43 7.08 -4.61
C MET A 69 -2.00 6.85 -5.11
N TYR A 70 -1.28 7.91 -5.38
CA TYR A 70 0.15 7.83 -5.70
C TYR A 70 0.92 8.70 -4.73
N ASP A 71 1.96 8.11 -4.13
CA ASP A 71 2.85 8.78 -3.20
C ASP A 71 4.19 8.98 -3.91
N TYR A 72 4.52 10.24 -4.18
CA TYR A 72 5.76 10.56 -4.87
C TYR A 72 6.97 10.19 -4.02
N ASP A 73 6.92 10.49 -2.72
CA ASP A 73 8.03 10.16 -1.83
C ASP A 73 8.21 8.64 -1.73
N MET A 74 7.11 7.91 -1.61
CA MET A 74 7.22 6.46 -1.54
C MET A 74 7.37 5.83 -2.92
N GLU A 75 7.19 6.60 -4.00
CA GLU A 75 7.16 6.07 -5.36
C GLU A 75 6.21 4.87 -5.38
N GLN A 76 5.03 5.07 -4.80
CA GLN A 76 4.12 3.98 -4.52
C GLN A 76 2.74 4.25 -5.10
N VAL A 77 2.11 3.20 -5.62
CA VAL A 77 0.72 3.27 -6.06
C VAL A 77 -0.08 2.39 -5.12
N SER A 78 -1.23 2.91 -4.67
CA SER A 78 -2.10 2.22 -3.76
C SER A 78 -3.54 2.39 -4.22
N ARG A 79 -4.44 1.65 -3.60
CA ARG A 79 -5.86 1.64 -3.93
C ARG A 79 -6.61 1.95 -2.64
N ILE A 80 -7.65 2.76 -2.76
CA ILE A 80 -8.31 3.33 -1.58
C ILE A 80 -9.67 2.71 -1.45
N ALA A 81 -9.87 1.97 -0.36
CA ALA A 81 -11.15 1.38 -0.01
C ALA A 81 -12.17 2.49 0.28
N ARG A 82 -13.43 2.22 -0.04
CA ARG A 82 -14.46 3.22 0.19
C ARG A 82 -14.46 3.65 1.66
N ASP A 83 -14.02 2.78 2.56
CA ASP A 83 -13.97 3.14 3.98
C ASP A 83 -12.80 4.10 4.24
N GLU A 84 -11.75 4.05 3.41
CA GLU A 84 -10.64 4.99 3.52
C GLU A 84 -10.71 6.10 2.46
N ASN A 85 -11.90 6.46 2.01
CA ASN A 85 -12.04 7.55 1.04
C ASN A 85 -12.77 8.67 1.77
N ILE A 86 -12.04 9.76 2.06
CA ILE A 86 -12.61 10.89 2.77
C ILE A 86 -13.46 11.78 1.88
N PHE A 87 -13.42 11.55 0.57
CA PHE A 87 -14.19 12.33 -0.40
C PHE A 87 -15.38 11.55 -0.95
N ASN A 88 -15.94 10.64 -0.15
CA ASN A 88 -16.95 9.74 -0.67
C ASN A 88 -18.30 10.46 -0.73
N PHE A 89 -18.59 11.31 0.25
CA PHE A 89 -19.87 12.01 0.24
C PHE A 89 -19.99 12.98 -0.94
N LEU A 90 -18.87 13.61 -1.30
CA LEU A 90 -18.90 14.62 -2.35
C LEU A 90 -19.25 14.05 -3.73
N LEU A 91 -18.97 12.77 -3.95
CA LEU A 91 -19.34 12.08 -5.18
C LEU A 91 -20.74 11.48 -5.14
N GLU A 92 -21.39 11.45 -3.98
CA GLU A 92 -22.67 10.80 -3.86
C GLU A 92 -23.71 11.48 -4.74
N ASP A 93 -24.45 10.68 -5.49
CA ASP A 93 -25.65 11.17 -6.17
C ASP A 93 -26.75 11.41 -5.15
N ASN A 94 -27.55 12.45 -5.36
CA ASN A 94 -28.62 12.74 -4.40
C ASN A 94 -29.61 11.58 -4.34
N GLU A 95 -29.92 10.98 -5.48
CA GLU A 95 -30.89 9.88 -5.52
C GLU A 95 -30.44 8.73 -4.63
N ASN A 96 -29.14 8.55 -4.49
CA ASN A 96 -28.58 7.45 -3.72
C ASN A 96 -28.39 7.79 -2.25
N PHE A 97 -28.56 9.07 -1.88
CA PHE A 97 -28.25 9.47 -0.51
C PHE A 97 -29.01 8.62 0.51
N ASP A 98 -30.34 8.52 0.34
CA ASP A 98 -31.14 7.77 1.30
C ASP A 98 -30.74 6.31 1.34
N LYS A 99 -30.25 5.77 0.22
CA LYS A 99 -29.81 4.38 0.22
C LYS A 99 -28.48 4.20 0.92
N ASP A 100 -27.65 5.24 0.96
CA ASP A 100 -26.29 5.10 1.44
C ASP A 100 -26.05 5.72 2.81
N PHE A 101 -26.75 6.79 3.16
CA PHE A 101 -26.51 7.50 4.40
C PHE A 101 -27.78 7.62 5.23
N VAL A 102 -27.56 7.68 6.55
CA VAL A 102 -28.59 7.99 7.53
C VAL A 102 -28.12 9.19 8.35
N VAL A 103 -29.00 10.16 8.54
CA VAL A 103 -28.64 11.37 9.26
C VAL A 103 -28.74 11.08 10.75
N GLU A 104 -27.62 11.20 11.45
CA GLU A 104 -27.61 10.99 12.90
C GLU A 104 -28.24 12.19 13.62
N SER A 105 -27.83 13.39 13.26
CA SER A 105 -28.34 14.55 13.97
C SER A 105 -28.12 15.81 13.13
N VAL A 106 -28.80 16.88 13.53
CA VAL A 106 -28.70 18.19 12.87
C VAL A 106 -28.65 19.26 13.94
N VAL A 107 -27.74 20.21 13.78
CA VAL A 107 -27.61 21.35 14.67
C VAL A 107 -27.53 22.60 13.81
N ASN A 108 -28.30 23.62 14.15
CA ASN A 108 -28.35 24.84 13.34
C ASN A 108 -27.95 26.03 14.21
N GLU A 109 -26.94 26.78 13.76
CA GLU A 109 -26.53 28.02 14.42
C GLU A 109 -26.29 29.09 13.36
N LYS A 110 -27.15 30.12 13.35
CA LYS A 110 -27.02 31.26 12.44
C LYS A 110 -26.97 30.73 11.01
N GLU A 111 -26.04 31.19 10.17
CA GLU A 111 -25.97 30.74 8.78
C GLU A 111 -25.41 29.34 8.65
N PHE A 112 -24.82 28.77 9.69
CA PHE A 112 -24.22 27.44 9.60
C PHE A 112 -25.19 26.35 10.06
N SER A 113 -25.12 25.21 9.39
CA SER A 113 -25.88 24.02 9.75
C SER A 113 -24.94 22.82 9.75
N ARG A 114 -24.84 22.14 10.88
CA ARG A 114 -23.98 20.97 11.04
C ARG A 114 -24.83 19.71 11.00
N ILE A 115 -24.49 18.80 10.09
CA ILE A 115 -25.24 17.57 9.86
C ILE A 115 -24.33 16.39 10.15
N ASN A 116 -24.72 15.55 11.10
CA ASN A 116 -23.99 14.33 11.43
C ASN A 116 -24.66 13.16 10.72
N ILE A 117 -23.88 12.44 9.91
CA ILE A 117 -24.32 11.34 9.06
C ILE A 117 -23.41 10.14 9.29
N TYR A 118 -23.90 8.97 8.86
CA TYR A 118 -23.14 7.74 8.94
C TYR A 118 -23.46 6.86 7.74
N HIS A 119 -22.42 6.26 7.16
CA HIS A 119 -22.59 5.40 6.00
C HIS A 119 -23.13 4.05 6.43
N LYS A 120 -24.23 3.62 5.81
CA LYS A 120 -24.89 2.39 6.25
C LYS A 120 -24.04 1.15 6.00
N VAL A 121 -23.15 1.20 5.01
CA VAL A 121 -22.33 0.04 4.67
C VAL A 121 -20.99 0.12 5.39
N THR A 122 -20.27 1.22 5.21
CA THR A 122 -18.93 1.33 5.80
C THR A 122 -18.98 1.81 7.25
N GLU A 123 -20.14 2.25 7.73
CA GLU A 123 -20.32 2.70 9.10
C GLU A 123 -19.38 3.83 9.48
N ARG A 124 -18.87 4.58 8.50
CA ARG A 124 -18.00 5.71 8.76
C ARG A 124 -18.85 6.93 9.10
N HIS A 125 -18.58 7.56 10.25
CA HIS A 125 -19.29 8.76 10.65
C HIS A 125 -18.64 10.00 10.06
N SER A 126 -19.47 10.98 9.69
CA SER A 126 -18.99 12.20 9.08
C SER A 126 -19.85 13.36 9.55
N GLU A 127 -19.26 14.56 9.56
CA GLU A 127 -19.95 15.78 9.96
C GLU A 127 -19.78 16.79 8.83
N ILE A 128 -20.89 17.39 8.41
CA ILE A 128 -20.92 18.33 7.30
C ILE A 128 -21.41 19.70 7.78
N THR A 129 -20.65 20.73 7.45
CA THR A 129 -21.05 22.11 7.73
C THR A 129 -21.56 22.77 6.45
N LEU A 130 -22.78 23.29 6.51
CA LEU A 130 -23.45 23.95 5.40
C LEU A 130 -23.52 25.45 5.71
N ASN A 131 -23.16 26.26 4.72
CA ASN A 131 -23.32 27.70 4.75
C ASN A 131 -24.65 27.95 4.06
N LYS A 132 -25.64 28.41 4.83
CA LYS A 132 -26.99 28.60 4.31
C LYS A 132 -27.12 29.85 3.45
N ALA A 133 -26.26 30.85 3.67
CA ALA A 133 -26.37 32.08 2.91
C ALA A 133 -26.12 31.83 1.42
N ASN A 134 -25.02 31.13 1.11
CA ASN A 134 -24.71 30.76 -0.27
C ASN A 134 -24.93 29.29 -0.57
N LYS A 135 -25.41 28.50 0.39
CA LYS A 135 -25.71 27.10 0.18
C LYS A 135 -24.48 26.34 -0.33
N GLN A 136 -23.41 26.38 0.46
CA GLN A 136 -22.18 25.69 0.08
C GLN A 136 -21.64 24.95 1.29
N ILE A 137 -20.97 23.82 1.05
CA ILE A 137 -20.31 23.12 2.14
C ILE A 137 -19.05 23.87 2.52
N GLU A 138 -18.90 24.17 3.81
CA GLU A 138 -17.74 24.90 4.30
C GLU A 138 -16.75 24.03 5.06
N LEU A 139 -17.23 22.97 5.74
CA LEU A 139 -16.40 22.10 6.54
C LEU A 139 -16.89 20.67 6.45
N LEU A 140 -15.97 19.72 6.32
CA LEU A 140 -16.29 18.30 6.30
C LEU A 140 -15.37 17.57 7.26
N LYS A 141 -15.94 16.75 8.14
CA LYS A 141 -15.17 16.05 9.16
C LYS A 141 -15.40 14.55 9.04
N ILE A 142 -14.32 13.78 9.03
CA ILE A 142 -14.35 12.33 8.85
C ILE A 142 -13.71 11.70 10.09
N PHE A 143 -14.45 10.78 10.73
CA PHE A 143 -14.00 10.12 11.96
C PHE A 143 -13.48 8.73 11.64
N GLU A 144 -12.16 8.55 11.68
CA GLU A 144 -11.49 7.27 11.48
C GLU A 144 -10.92 6.79 12.81
N ASP A 145 -11.76 6.09 13.58
CA ASP A 145 -11.40 5.57 14.90
C ASP A 145 -10.86 6.63 15.83
N THR A 146 -9.52 6.81 15.86
CA THR A 146 -8.89 7.75 16.77
C THR A 146 -8.26 8.93 16.04
N ASN A 147 -8.67 9.16 14.80
CA ASN A 147 -8.16 10.22 13.96
C ASN A 147 -9.34 10.94 13.35
N VAL A 148 -9.28 12.28 13.34
CA VAL A 148 -10.33 13.08 12.73
C VAL A 148 -9.67 13.87 11.61
N VAL A 149 -10.18 13.70 10.39
CA VAL A 149 -9.68 14.40 9.22
C VAL A 149 -10.68 15.51 8.91
N THR A 150 -10.21 16.75 8.87
CA THR A 150 -11.05 17.90 8.60
C THR A 150 -10.64 18.50 7.27
N ILE A 151 -11.62 18.70 6.40
CA ILE A 151 -11.42 19.27 5.08
C ILE A 151 -12.15 20.61 5.08
N LYS A 152 -11.42 21.69 4.90
CA LYS A 152 -12.00 23.04 4.84
C LYS A 152 -12.09 23.47 3.40
N PHE A 153 -13.28 23.89 2.97
CA PHE A 153 -13.52 24.28 1.57
C PHE A 153 -13.24 25.78 1.46
N ASP A 154 -12.04 26.15 1.01
CA ASP A 154 -11.66 27.55 0.99
C ASP A 154 -12.27 28.32 -0.19
N ASN A 155 -12.51 27.65 -1.31
CA ASN A 155 -13.05 28.33 -2.48
C ASN A 155 -13.64 27.30 -3.43
N ILE A 156 -14.86 27.54 -3.91
CA ILE A 156 -15.54 26.60 -4.79
C ILE A 156 -15.87 27.32 -6.09
N VAL A 157 -15.43 26.74 -7.22
CA VAL A 157 -15.70 27.31 -8.54
C VAL A 157 -16.23 26.20 -9.44
N LYS A 158 -17.20 26.55 -10.27
CA LYS A 158 -17.81 25.59 -11.20
C LYS A 158 -16.92 25.49 -12.43
N VAL A 159 -16.73 24.27 -12.93
CA VAL A 159 -15.86 24.00 -14.06
C VAL A 159 -16.71 23.63 -15.26
N GLN A 160 -16.40 24.20 -16.42
CA GLN A 160 -17.17 23.91 -17.62
C GLN A 160 -16.59 22.77 -18.43
N LYS A 161 -15.28 22.53 -18.34
CA LYS A 161 -14.65 21.43 -19.06
C LYS A 161 -13.34 21.10 -18.35
N PHE A 162 -13.10 19.80 -18.13
CA PHE A 162 -11.88 19.32 -17.50
C PHE A 162 -10.98 18.64 -18.53
N ASP A 163 -9.66 18.80 -18.37
CA ASP A 163 -8.75 17.96 -19.12
C ASP A 163 -8.98 16.51 -18.69
N GLU A 164 -9.21 15.63 -19.66
CA GLU A 164 -9.57 14.25 -19.33
C GLU A 164 -8.45 13.57 -18.54
N ASP A 165 -7.20 13.85 -18.89
CA ASP A 165 -6.09 13.20 -18.21
C ASP A 165 -5.97 13.60 -16.74
N LEU A 166 -6.69 14.64 -16.31
CA LEU A 166 -6.72 14.97 -14.90
C LEU A 166 -7.29 13.82 -14.07
N PHE A 167 -8.12 12.96 -14.69
CA PHE A 167 -8.76 11.85 -13.99
C PHE A 167 -8.17 10.52 -14.42
N LYS A 168 -6.91 10.54 -14.87
CA LYS A 168 -6.15 9.35 -15.25
C LYS A 168 -4.94 9.24 -14.33
N LEU A 169 -4.61 8.00 -13.96
CA LEU A 169 -3.41 7.69 -13.17
C LEU A 169 -2.77 6.49 -13.86
N LYS A 170 -1.88 6.76 -14.82
CA LYS A 170 -1.30 5.68 -15.61
C LYS A 170 -0.21 4.97 -14.82
N ASN A 171 -0.10 3.65 -15.06
CA ASN A 171 0.85 2.81 -14.36
C ASN A 171 2.24 3.43 -14.42
N PRO A 172 2.79 3.89 -13.29
CA PRO A 172 4.14 4.48 -13.32
C PRO A 172 5.21 3.49 -13.73
N GLU A 173 4.98 2.19 -13.53
CA GLU A 173 5.97 1.20 -13.93
C GLU A 173 6.16 1.17 -15.44
N ILE A 174 5.15 1.55 -16.22
CA ILE A 174 5.22 1.53 -17.67
C ILE A 174 5.28 2.94 -18.24
N TYR A 175 4.35 3.80 -17.82
CA TYR A 175 4.19 5.12 -18.42
C TYR A 175 4.92 6.22 -17.66
N GLY A 176 5.60 5.89 -16.57
CA GLY A 176 6.39 6.85 -15.84
C GLY A 176 5.61 7.63 -14.79
N VAL A 177 6.36 8.41 -14.01
CA VAL A 177 5.77 9.16 -12.89
C VAL A 177 4.71 10.12 -13.41
N PRO A 178 3.58 10.26 -12.72
CA PRO A 178 2.60 11.26 -13.15
C PRO A 178 3.10 12.68 -12.99
N GLU A 179 2.59 13.57 -13.83
CA GLU A 179 2.94 14.98 -13.72
C GLU A 179 2.52 15.52 -12.35
N ARG A 180 3.43 16.25 -11.71
CA ARG A 180 3.14 16.92 -10.45
C ARG A 180 2.65 18.33 -10.76
N LEU A 181 1.50 18.70 -10.20
CA LEU A 181 0.85 19.96 -10.53
C LEU A 181 0.79 20.85 -9.30
N THR A 182 1.24 22.08 -9.46
CA THR A 182 1.07 23.11 -8.45
C THR A 182 -0.31 23.76 -8.64
N LYS A 183 -0.64 24.72 -7.77
CA LYS A 183 -1.94 25.40 -7.87
C LYS A 183 -2.12 26.03 -9.25
N SER A 184 -1.12 26.79 -9.71
CA SER A 184 -1.20 27.42 -11.03
C SER A 184 -1.22 26.37 -12.14
N GLU A 185 -0.40 25.33 -12.00
CA GLU A 185 -0.32 24.31 -13.05
C GLU A 185 -1.65 23.60 -13.23
N ILE A 186 -2.30 23.22 -12.12
CA ILE A 186 -3.57 22.52 -12.25
C ILE A 186 -4.65 23.47 -12.76
N GLU A 187 -4.62 24.73 -12.34
CA GLU A 187 -5.60 25.67 -12.87
C GLU A 187 -5.44 25.86 -14.38
N LYS A 188 -4.24 25.63 -14.92
CA LYS A 188 -4.08 25.76 -16.35
C LYS A 188 -4.76 24.67 -17.17
N LYS A 189 -5.23 23.59 -16.54
CA LYS A 189 -5.76 22.45 -17.27
C LYS A 189 -7.27 22.27 -17.12
N TYR A 190 -7.99 23.33 -16.75
CA TYR A 190 -9.44 23.29 -16.77
C TYR A 190 -9.96 24.71 -16.94
N VAL A 191 -11.18 24.81 -17.46
CA VAL A 191 -11.79 26.09 -17.81
C VAL A 191 -12.94 26.36 -16.84
N VAL A 192 -12.91 27.55 -16.24
CA VAL A 192 -13.94 27.96 -15.29
C VAL A 192 -15.16 28.49 -16.04
N SER A 193 -16.30 28.46 -15.36
CA SER A 193 -17.54 28.96 -15.93
C SER A 193 -17.55 30.50 -15.97
N MET B 1 21.77 48.50 -12.43
CA MET B 1 20.64 48.63 -11.51
C MET B 1 19.80 47.35 -11.55
N GLU B 2 18.47 47.51 -11.54
CA GLU B 2 17.59 46.36 -11.61
C GLU B 2 17.97 45.44 -12.77
N SER B 3 18.47 46.02 -13.87
CA SER B 3 18.81 45.22 -15.04
C SER B 3 19.90 44.20 -14.72
N ASP B 4 20.97 44.64 -14.03
CA ASP B 4 22.02 43.71 -13.61
C ASP B 4 21.58 42.84 -12.43
N ASP B 5 20.75 43.38 -11.54
CA ASP B 5 20.33 42.59 -10.39
C ASP B 5 19.51 41.39 -10.83
N LYS B 6 18.78 41.52 -11.95
CA LYS B 6 18.01 40.37 -12.45
C LYS B 6 18.93 39.35 -13.12
N ALA B 7 20.02 39.81 -13.75
CA ALA B 7 20.96 38.89 -14.38
C ALA B 7 21.68 38.05 -13.34
N ALA B 8 21.95 38.62 -12.15
CA ALA B 8 22.55 37.80 -11.10
C ALA B 8 21.62 36.63 -10.72
N ILE B 9 20.32 36.91 -10.61
CA ILE B 9 19.36 35.85 -10.30
C ILE B 9 19.37 34.83 -11.44
N LEU B 10 19.52 35.31 -12.68
CA LEU B 10 19.65 34.41 -13.82
C LEU B 10 20.84 33.47 -13.65
N GLU B 11 21.99 34.04 -13.26
CA GLU B 11 23.20 33.24 -13.07
C GLU B 11 23.01 32.21 -11.95
N LEU B 12 22.39 32.63 -10.85
CA LEU B 12 22.15 31.71 -9.73
C LEU B 12 21.26 30.54 -10.14
N LYS B 13 20.19 30.84 -10.87
CA LYS B 13 19.30 29.78 -11.34
C LYS B 13 20.06 28.83 -12.26
N THR B 14 20.90 29.38 -13.14
CA THR B 14 21.74 28.53 -13.98
C THR B 14 22.63 27.63 -13.13
N TYR B 15 23.23 28.18 -12.08
CA TYR B 15 24.10 27.39 -11.23
C TYR B 15 23.33 26.23 -10.61
N LEU B 16 22.11 26.50 -10.12
CA LEU B 16 21.32 25.41 -9.56
C LEU B 16 21.03 24.36 -10.61
N ARG B 17 20.87 24.78 -11.87
CA ARG B 17 20.57 23.84 -12.94
C ARG B 17 21.77 23.02 -13.41
N THR B 18 22.98 23.56 -13.32
CA THR B 18 24.13 22.87 -13.90
C THR B 18 24.96 22.10 -12.89
N MET B 19 24.70 22.27 -11.59
CA MET B 19 25.47 21.59 -10.55
C MET B 19 24.71 20.37 -10.01
N LYS B 20 24.47 19.41 -10.90
CA LYS B 20 23.67 18.26 -10.52
C LYS B 20 24.46 17.24 -9.71
N SER B 21 25.75 17.09 -9.98
CA SER B 21 26.57 16.04 -9.35
C SER B 21 27.96 16.59 -9.07
N ILE B 22 28.20 17.03 -7.83
CA ILE B 22 29.45 17.69 -7.49
C ILE B 22 30.00 17.22 -6.15
N ALA B 23 31.30 17.47 -5.98
CA ALA B 23 31.99 17.30 -4.70
C ALA B 23 32.71 18.59 -4.37
N VAL B 24 32.54 19.05 -3.13
CA VAL B 24 33.04 20.35 -2.70
C VAL B 24 33.84 20.18 -1.42
N ASP B 25 35.09 20.65 -1.44
CA ASP B 25 35.85 20.85 -0.21
C ASP B 25 35.42 22.21 0.35
N PHE B 26 34.96 22.22 1.61
CA PHE B 26 34.38 23.41 2.19
C PHE B 26 34.91 23.68 3.59
N THR B 27 34.90 24.96 3.96
CA THR B 27 35.17 25.43 5.31
C THR B 27 33.90 26.03 5.89
N GLN B 28 33.63 25.70 7.15
CA GLN B 28 32.40 26.09 7.85
C GLN B 28 32.76 26.78 9.14
N GLU B 29 32.18 27.96 9.34
CA GLU B 29 32.35 28.72 10.57
C GLU B 29 30.96 29.10 11.08
N ASP B 30 30.83 29.24 12.40
CA ASP B 30 29.58 29.63 13.02
C ASP B 30 29.84 30.79 13.97
N SER B 31 28.76 31.30 14.59
CA SER B 31 28.91 32.37 15.55
C SER B 31 29.64 31.93 16.81
N LYS B 32 29.76 30.62 17.03
CA LYS B 32 30.46 30.14 18.21
C LYS B 32 31.98 30.13 18.04
N GLY B 33 32.48 30.44 16.85
CA GLY B 33 33.90 30.63 16.62
C GLY B 33 34.65 29.41 16.15
N ASN B 34 34.08 28.22 16.29
CA ASN B 34 34.77 27.01 15.83
C ASN B 34 34.80 27.00 14.31
N ILE B 35 35.91 26.49 13.77
CA ILE B 35 36.11 26.37 12.33
C ILE B 35 36.32 24.89 12.03
N VAL B 36 35.57 24.38 11.06
CA VAL B 36 35.64 22.98 10.67
C VAL B 36 35.66 22.87 9.16
N GLN B 37 36.39 21.87 8.67
CA GLN B 37 36.47 21.59 7.25
C GLN B 37 35.76 20.29 6.94
N GLY B 38 35.39 20.12 5.67
CA GLY B 38 34.70 18.89 5.32
C GLY B 38 34.51 18.75 3.82
N LYS B 39 33.91 17.60 3.47
CA LYS B 39 33.58 17.29 2.08
C LYS B 39 32.07 17.20 1.93
N LEU B 40 31.52 17.97 0.98
CA LEU B 40 30.10 17.97 0.67
C LEU B 40 29.90 17.32 -0.69
N LEU B 41 29.14 16.24 -0.73
CA LEU B 41 28.79 15.55 -1.96
C LEU B 41 27.33 15.84 -2.27
N ILE B 42 27.06 16.29 -3.50
CA ILE B 42 25.70 16.60 -3.94
C ILE B 42 25.40 15.74 -5.15
N SER B 43 24.28 15.00 -5.09
CA SER B 43 23.76 14.20 -6.19
C SER B 43 22.27 14.52 -6.25
N LYS B 44 21.90 15.57 -7.00
CA LYS B 44 20.50 15.92 -7.15
C LYS B 44 19.76 14.81 -7.90
N PRO B 45 18.44 14.68 -7.68
CA PRO B 45 17.57 15.63 -7.00
C PRO B 45 17.61 15.75 -5.48
N TYR B 46 17.84 14.66 -4.74
CA TYR B 46 17.68 14.68 -3.30
C TYR B 46 18.87 14.21 -2.48
N ASN B 47 19.91 13.67 -3.10
CA ASN B 47 20.95 12.98 -2.34
C ASN B 47 22.08 13.93 -1.98
N PHE B 48 22.52 13.87 -0.72
CA PHE B 48 23.71 14.59 -0.34
C PHE B 48 24.38 13.91 0.85
N ARG B 49 25.69 14.17 0.98
CA ARG B 49 26.48 13.69 2.11
C ARG B 49 27.44 14.78 2.55
N CYS B 50 27.27 15.25 3.78
CA CYS B 50 28.20 16.19 4.41
C CYS B 50 29.09 15.43 5.38
N ASN B 51 30.37 15.32 5.05
CA ASN B 51 31.33 14.51 5.79
C ASN B 51 32.30 15.48 6.46
N TYR B 52 32.01 15.81 7.73
CA TYR B 52 32.93 16.65 8.49
C TYR B 52 34.16 15.86 8.91
N TYR B 53 35.34 16.49 8.79
CA TYR B 53 36.58 15.86 9.19
C TYR B 53 36.81 15.96 10.70
N PRO B 54 37.62 15.07 11.26
CA PRO B 54 37.99 15.21 12.68
C PRO B 54 38.65 16.55 12.91
N PRO B 55 38.53 17.10 14.13
CA PRO B 55 37.90 16.53 15.33
C PRO B 55 36.40 16.80 15.38
N PHE B 56 35.76 17.10 14.26
CA PHE B 56 34.34 17.40 14.22
C PHE B 56 33.63 16.11 13.81
N PRO B 57 33.19 15.29 14.76
CA PRO B 57 32.70 13.93 14.43
C PRO B 57 31.26 13.93 13.94
N ILE B 58 31.06 14.24 12.66
CA ILE B 58 29.70 14.34 12.14
C ILE B 58 29.64 13.91 10.68
N ILE B 59 28.60 13.14 10.36
CA ILE B 59 28.22 12.88 8.97
C ILE B 59 26.73 13.15 8.86
N ILE B 60 26.33 13.81 7.78
CA ILE B 60 24.93 14.07 7.47
C ILE B 60 24.64 13.42 6.13
N VAL B 61 23.64 12.55 6.08
CA VAL B 61 23.27 11.86 4.85
C VAL B 61 21.80 12.14 4.59
N GLY B 62 21.51 12.66 3.40
CA GLY B 62 20.14 13.00 3.02
C GLY B 62 19.68 12.30 1.76
N THR B 63 18.46 11.78 1.79
CA THR B 63 17.72 11.23 0.66
C THR B 63 16.33 11.87 0.69
N LYS B 64 15.50 11.54 -0.29
CA LYS B 64 14.17 12.16 -0.32
C LYS B 64 13.29 11.72 0.84
N ASN B 65 13.50 10.51 1.37
CA ASN B 65 12.62 10.05 2.44
C ASN B 65 13.04 10.59 3.80
N PHE B 66 14.35 10.67 4.07
CA PHE B 66 14.83 11.11 5.37
C PHE B 66 16.19 11.78 5.22
N VAL B 67 16.54 12.56 6.23
CA VAL B 67 17.85 13.18 6.36
C VAL B 67 18.34 12.88 7.77
N SER B 68 19.45 12.17 7.89
CA SER B 68 19.93 11.70 9.18
C SER B 68 21.33 12.23 9.46
N MET B 69 21.65 12.34 10.74
CA MET B 69 22.94 12.81 11.21
C MET B 69 23.50 11.76 12.16
N TYR B 70 24.80 11.50 12.08
CA TYR B 70 25.48 10.62 13.01
C TYR B 70 26.65 11.34 13.66
N ASP B 71 26.70 11.26 15.00
CA ASP B 71 27.77 11.81 15.84
C ASP B 71 28.58 10.63 16.36
N TYR B 72 29.84 10.54 15.91
CA TYR B 72 30.69 9.43 16.28
C TYR B 72 31.07 9.47 17.76
N ASP B 73 31.35 10.65 18.30
CA ASP B 73 31.75 10.73 19.70
C ASP B 73 30.63 10.24 20.61
N MET B 74 29.40 10.69 20.35
CA MET B 74 28.25 10.23 21.12
C MET B 74 27.70 8.92 20.58
N GLU B 75 28.16 8.47 19.42
CA GLU B 75 27.60 7.29 18.77
C GLU B 75 26.08 7.40 18.69
N GLN B 76 25.62 8.55 18.21
CA GLN B 76 24.21 8.88 18.25
C GLN B 76 23.69 9.20 16.86
N VAL B 77 22.45 8.77 16.58
CA VAL B 77 21.77 9.04 15.33
C VAL B 77 20.64 10.02 15.62
N SER B 78 20.49 11.02 14.76
CA SER B 78 19.46 12.03 14.89
C SER B 78 18.82 12.24 13.53
N ARG B 79 17.70 12.96 13.53
CA ARG B 79 16.91 13.20 12.35
C ARG B 79 16.79 14.70 12.17
N ILE B 80 16.90 15.13 10.91
CA ILE B 80 17.04 16.54 10.56
C ILE B 80 15.76 16.95 9.85
N ALA B 81 15.06 17.92 10.42
CA ALA B 81 13.84 18.41 9.81
C ALA B 81 14.12 19.01 8.45
N ARG B 82 13.24 18.72 7.49
CA ARG B 82 13.37 19.29 6.15
C ARG B 82 13.33 20.81 6.27
N ASP B 83 14.25 21.48 5.58
CA ASP B 83 14.40 22.93 5.62
C ASP B 83 15.16 23.35 6.88
N GLU B 84 15.52 22.42 7.75
CA GLU B 84 16.41 22.67 8.88
C GLU B 84 17.82 22.23 8.51
N ASN B 85 17.97 21.71 7.30
CA ASN B 85 19.26 21.36 6.70
C ASN B 85 19.90 22.63 6.17
N ILE B 86 21.12 22.93 6.59
CA ILE B 86 21.78 24.15 6.15
C ILE B 86 22.22 24.01 4.71
N PHE B 87 21.98 22.84 4.12
CA PHE B 87 22.31 22.56 2.73
C PHE B 87 21.06 22.44 1.86
N ASN B 88 19.98 23.11 2.24
CA ASN B 88 18.73 22.92 1.51
C ASN B 88 18.74 23.69 0.20
N PHE B 89 19.33 24.88 0.18
CA PHE B 89 19.34 25.67 -1.03
C PHE B 89 20.16 24.98 -2.12
N LEU B 90 21.27 24.33 -1.73
CA LEU B 90 22.12 23.64 -2.71
C LEU B 90 21.40 22.45 -3.32
N LEU B 91 20.37 21.92 -2.65
CA LEU B 91 19.56 20.86 -3.22
C LEU B 91 18.44 21.39 -4.12
N GLU B 92 18.18 22.70 -4.06
CA GLU B 92 17.06 23.27 -4.79
C GLU B 92 17.29 23.18 -6.30
N ASP B 93 16.29 22.66 -7.01
CA ASP B 93 16.27 22.76 -8.47
C ASP B 93 15.88 24.19 -8.87
N ASN B 94 16.42 24.64 -10.00
CA ASN B 94 16.15 26.00 -10.44
C ASN B 94 14.66 26.22 -10.67
N GLU B 95 13.97 25.21 -11.21
CA GLU B 95 12.55 25.38 -11.54
C GLU B 95 11.72 25.76 -10.33
N ASN B 96 12.10 25.32 -9.15
CA ASN B 96 11.34 25.60 -7.94
C ASN B 96 11.78 26.88 -7.25
N PHE B 97 12.88 27.49 -7.71
CA PHE B 97 13.46 28.62 -6.98
C PHE B 97 12.44 29.73 -6.76
N ASP B 98 11.79 30.19 -7.83
CA ASP B 98 10.83 31.27 -7.70
C ASP B 98 9.65 30.87 -6.82
N LYS B 99 9.29 29.59 -6.83
CA LYS B 99 8.18 29.13 -6.00
C LYS B 99 8.57 29.09 -4.53
N ASP B 100 9.85 28.95 -4.22
CA ASP B 100 10.29 28.72 -2.86
C ASP B 100 10.95 29.91 -2.20
N PHE B 101 11.63 30.76 -2.96
CA PHE B 101 12.39 31.87 -2.41
C PHE B 101 11.95 33.19 -3.02
N VAL B 102 12.11 34.25 -2.24
CA VAL B 102 11.94 35.63 -2.70
C VAL B 102 13.25 36.36 -2.44
N VAL B 103 13.69 37.13 -3.42
CA VAL B 103 14.98 37.79 -3.35
C VAL B 103 14.85 39.08 -2.56
N GLU B 104 15.60 39.19 -1.46
CA GLU B 104 15.61 40.43 -0.69
C GLU B 104 16.42 41.50 -1.40
N SER B 105 17.64 41.16 -1.82
CA SER B 105 18.45 42.20 -2.45
C SER B 105 19.60 41.59 -3.24
N VAL B 106 20.18 42.40 -4.12
CA VAL B 106 21.32 42.01 -4.93
C VAL B 106 22.29 43.19 -5.00
N VAL B 107 23.57 42.90 -4.79
CA VAL B 107 24.63 43.91 -4.92
C VAL B 107 25.77 43.29 -5.72
N ASN B 108 26.33 44.06 -6.66
CA ASN B 108 27.33 43.55 -7.59
C ASN B 108 28.66 44.28 -7.42
N GLU B 109 29.74 43.51 -7.34
CA GLU B 109 31.09 44.05 -7.38
C GLU B 109 31.85 43.24 -8.43
N LYS B 110 32.08 43.84 -9.59
CA LYS B 110 32.81 43.20 -10.70
C LYS B 110 32.13 41.87 -10.99
N GLU B 111 32.86 40.76 -11.10
CA GLU B 111 32.29 39.46 -11.41
C GLU B 111 31.53 38.84 -10.25
N PHE B 112 31.61 39.41 -9.06
CA PHE B 112 30.99 38.85 -7.86
C PHE B 112 29.63 39.50 -7.62
N SER B 113 28.66 38.67 -7.19
CA SER B 113 27.32 39.14 -6.87
C SER B 113 26.84 38.54 -5.55
N ARG B 114 26.36 39.41 -4.67
CA ARG B 114 25.80 38.99 -3.39
C ARG B 114 24.28 39.03 -3.50
N ILE B 115 23.64 37.89 -3.25
CA ILE B 115 22.19 37.72 -3.38
C ILE B 115 21.64 37.33 -2.01
N ASN B 116 20.75 38.18 -1.48
CA ASN B 116 20.08 37.93 -0.21
C ASN B 116 18.67 37.42 -0.50
N ILE B 117 18.38 36.21 0.01
CA ILE B 117 17.10 35.54 -0.20
C ILE B 117 16.60 35.03 1.15
N TYR B 118 15.32 34.66 1.19
CA TYR B 118 14.79 33.98 2.37
C TYR B 118 13.70 33.01 1.94
N HIS B 119 13.61 31.88 2.65
CA HIS B 119 12.65 30.84 2.32
C HIS B 119 11.23 31.30 2.61
N LYS B 120 10.34 31.13 1.64
CA LYS B 120 8.99 31.68 1.75
C LYS B 120 8.19 31.02 2.86
N VAL B 121 8.53 29.76 3.20
CA VAL B 121 7.83 29.03 4.26
C VAL B 121 8.57 29.13 5.58
N THR B 122 9.85 28.75 5.59
CA THR B 122 10.59 28.71 6.85
C THR B 122 11.15 30.07 7.27
N GLU B 123 11.12 31.06 6.38
CA GLU B 123 11.59 32.40 6.64
C GLU B 123 13.04 32.48 7.12
N ARG B 124 13.87 31.47 6.88
CA ARG B 124 15.28 31.59 7.24
C ARG B 124 16.01 32.35 6.14
N HIS B 125 16.72 33.40 6.53
CA HIS B 125 17.41 34.26 5.59
C HIS B 125 18.77 33.67 5.23
N SER B 126 19.19 33.89 3.98
CA SER B 126 20.43 33.34 3.48
C SER B 126 21.11 34.35 2.55
N GLU B 127 22.43 34.24 2.49
CA GLU B 127 23.28 35.07 1.65
C GLU B 127 24.15 34.19 0.77
N ILE B 128 24.15 34.45 -0.53
CA ILE B 128 24.95 33.72 -1.49
C ILE B 128 25.91 34.69 -2.17
N THR B 129 27.20 34.35 -2.16
CA THR B 129 28.20 35.09 -2.91
C THR B 129 28.52 34.26 -4.15
N LEU B 130 28.32 34.84 -5.32
CA LEU B 130 28.44 34.18 -6.60
C LEU B 130 29.61 34.76 -7.38
N ASN B 131 30.50 33.89 -7.88
CA ASN B 131 31.57 34.29 -8.78
C ASN B 131 31.13 33.95 -10.19
N LYS B 132 30.94 34.96 -11.02
CA LYS B 132 30.51 34.76 -12.41
C LYS B 132 31.65 34.33 -13.33
N ALA B 133 32.90 34.63 -12.96
CA ALA B 133 34.03 34.26 -13.82
C ALA B 133 34.15 32.75 -13.96
N ASN B 134 34.06 32.01 -12.86
CA ASN B 134 34.06 30.56 -12.88
C ASN B 134 32.66 29.98 -12.69
N LYS B 135 31.66 30.84 -12.55
CA LYS B 135 30.26 30.43 -12.45
C LYS B 135 30.06 29.43 -11.31
N GLN B 136 30.46 29.86 -10.11
CA GLN B 136 30.28 29.03 -8.95
C GLN B 136 29.82 29.85 -7.75
N ILE B 137 29.06 29.22 -6.86
CA ILE B 137 28.81 29.79 -5.54
C ILE B 137 30.06 29.59 -4.71
N GLU B 138 30.56 30.69 -4.12
CA GLU B 138 31.76 30.63 -3.30
C GLU B 138 31.48 30.72 -1.81
N LEU B 139 30.38 31.36 -1.42
CA LEU B 139 30.04 31.54 -0.02
C LEU B 139 28.54 31.40 0.18
N LEU B 140 28.17 30.71 1.25
CA LEU B 140 26.77 30.56 1.64
C LEU B 140 26.66 30.93 3.12
N LYS B 141 25.75 31.84 3.45
CA LYS B 141 25.55 32.27 4.83
C LYS B 141 24.11 31.98 5.20
N ILE B 142 23.90 31.30 6.32
CA ILE B 142 22.58 30.92 6.77
C ILE B 142 22.34 31.54 8.14
N PHE B 143 21.24 32.27 8.29
CA PHE B 143 20.87 32.91 9.55
C PHE B 143 19.78 32.04 10.16
N GLU B 144 20.14 31.24 11.18
CA GLU B 144 19.18 30.43 11.91
C GLU B 144 19.04 30.99 13.32
N ASP B 145 17.82 31.43 13.65
CA ASP B 145 17.56 32.06 14.95
C ASP B 145 18.62 33.08 15.32
N THR B 146 19.53 32.71 16.21
CA THR B 146 20.55 33.63 16.73
C THR B 146 21.97 33.22 16.34
N ASN B 147 22.11 32.41 15.31
CA ASN B 147 23.41 31.88 14.88
C ASN B 147 23.54 32.02 13.38
N VAL B 148 24.74 32.40 12.94
CA VAL B 148 25.05 32.55 11.53
C VAL B 148 26.08 31.49 11.17
N VAL B 149 25.75 30.65 10.20
CA VAL B 149 26.64 29.60 9.72
C VAL B 149 27.15 30.01 8.35
N THR B 150 28.46 30.08 8.20
CA THR B 150 29.10 30.48 6.94
C THR B 150 29.86 29.30 6.37
N ILE B 151 29.56 28.97 5.12
CA ILE B 151 30.21 27.89 4.38
C ILE B 151 30.97 28.49 3.21
N LYS B 152 32.28 28.26 3.19
CA LYS B 152 33.17 28.69 2.12
C LYS B 152 33.46 27.50 1.24
N PHE B 153 33.27 27.65 -0.07
CA PHE B 153 33.53 26.58 -1.02
C PHE B 153 34.99 26.67 -1.46
N ASP B 154 35.84 25.87 -0.82
CA ASP B 154 37.27 25.94 -1.08
C ASP B 154 37.67 25.26 -2.38
N ASN B 155 36.89 24.27 -2.83
CA ASN B 155 37.22 23.58 -4.06
C ASN B 155 35.97 22.89 -4.58
N ILE B 156 35.67 23.08 -5.86
CA ILE B 156 34.49 22.49 -6.48
C ILE B 156 34.93 21.63 -7.66
N VAL B 157 34.51 20.37 -7.65
CA VAL B 157 34.86 19.45 -8.73
C VAL B 157 33.59 18.74 -9.17
N LYS B 158 33.44 18.53 -10.48
CA LYS B 158 32.31 17.78 -11.00
C LYS B 158 32.58 16.30 -10.83
N VAL B 159 31.56 15.57 -10.39
CA VAL B 159 31.67 14.14 -10.12
C VAL B 159 30.86 13.40 -11.16
N GLN B 160 31.45 12.36 -11.76
CA GLN B 160 30.69 11.61 -12.75
C GLN B 160 30.01 10.37 -12.15
N LYS B 161 30.51 9.85 -11.03
CA LYS B 161 29.97 8.64 -10.44
C LYS B 161 30.17 8.66 -8.94
N PHE B 162 29.10 8.37 -8.21
CA PHE B 162 29.15 8.18 -6.77
C PHE B 162 28.89 6.71 -6.44
N ASP B 163 29.64 6.16 -5.50
CA ASP B 163 29.23 4.90 -4.90
C ASP B 163 27.92 5.15 -4.14
N GLU B 164 26.90 4.34 -4.46
CA GLU B 164 25.57 4.58 -3.91
C GLU B 164 25.57 4.55 -2.38
N ASP B 165 26.41 3.72 -1.77
CA ASP B 165 26.39 3.61 -0.32
C ASP B 165 26.82 4.91 0.36
N LEU B 166 27.38 5.87 -0.39
CA LEU B 166 27.67 7.18 0.18
C LEU B 166 26.41 7.89 0.65
N PHE B 167 25.24 7.54 0.11
CA PHE B 167 23.97 8.15 0.47
C PHE B 167 23.10 7.20 1.29
N LYS B 168 23.76 6.28 2.00
CA LYS B 168 23.11 5.37 2.93
C LYS B 168 23.66 5.64 4.32
N LEU B 169 22.78 5.57 5.32
CA LEU B 169 23.17 5.67 6.74
C LEU B 169 22.40 4.53 7.41
N LYS B 170 23.03 3.36 7.45
CA LYS B 170 22.40 2.16 7.95
C LYS B 170 22.36 2.14 9.47
N ASN B 171 21.29 1.56 10.00
CA ASN B 171 21.10 1.45 11.45
C ASN B 171 22.35 0.87 12.07
N PRO B 172 23.08 1.64 12.89
CA PRO B 172 24.32 1.08 13.47
C PRO B 172 24.09 -0.13 14.36
N GLU B 173 22.91 -0.25 14.97
CA GLU B 173 22.61 -1.40 15.80
C GLU B 173 22.52 -2.70 15.01
N ILE B 174 22.19 -2.64 13.72
CA ILE B 174 22.00 -3.81 12.90
C ILE B 174 23.20 -4.02 11.96
N TYR B 175 23.54 -2.99 11.20
CA TYR B 175 24.61 -3.05 10.22
C TYR B 175 25.94 -2.54 10.76
N GLY B 176 25.98 -2.15 12.03
CA GLY B 176 27.20 -1.72 12.68
C GLY B 176 27.46 -0.24 12.51
N VAL B 177 28.45 0.25 13.27
CA VAL B 177 28.72 1.69 13.29
C VAL B 177 29.07 2.13 11.88
N PRO B 178 28.59 3.28 11.40
CA PRO B 178 28.94 3.70 10.04
C PRO B 178 30.43 3.97 9.89
N GLU B 179 30.91 3.74 8.67
CA GLU B 179 32.31 3.99 8.35
C GLU B 179 32.64 5.46 8.52
N ARG B 180 33.75 5.75 9.20
CA ARG B 180 34.27 7.12 9.23
C ARG B 180 35.29 7.29 8.12
N LEU B 181 35.11 8.34 7.32
CA LEU B 181 35.91 8.55 6.13
C LEU B 181 36.74 9.82 6.30
N THR B 182 38.04 9.69 6.05
CA THR B 182 38.92 10.84 5.96
C THR B 182 38.76 11.45 4.57
N LYS B 183 39.47 12.56 4.32
CA LYS B 183 39.40 13.19 3.00
C LYS B 183 39.75 12.20 1.90
N SER B 184 40.89 11.51 2.05
CA SER B 184 41.32 10.55 1.04
C SER B 184 40.35 9.39 0.88
N GLU B 185 39.85 8.87 1.99
CA GLU B 185 38.97 7.71 1.92
C GLU B 185 37.69 8.04 1.14
N ILE B 186 37.08 9.18 1.44
CA ILE B 186 35.86 9.54 0.73
C ILE B 186 36.16 9.88 -0.72
N GLU B 187 37.29 10.54 -0.99
CA GLU B 187 37.63 10.80 -2.38
C GLU B 187 37.82 9.51 -3.17
N LYS B 188 38.18 8.42 -2.50
CA LYS B 188 38.28 7.14 -3.20
C LYS B 188 36.92 6.56 -3.60
N LYS B 189 35.81 7.13 -3.11
CA LYS B 189 34.49 6.54 -3.32
C LYS B 189 33.66 7.31 -4.34
N TYR B 190 34.30 8.12 -5.18
CA TYR B 190 33.64 8.73 -6.33
C TYR B 190 34.71 9.04 -7.35
N VAL B 191 34.31 9.15 -8.61
CA VAL B 191 35.23 9.36 -9.72
C VAL B 191 35.00 10.76 -10.29
N VAL B 192 36.10 11.49 -10.47
CA VAL B 192 36.05 12.83 -11.01
C VAL B 192 35.95 12.78 -12.53
N SER B 193 35.46 13.86 -13.12
CA SER B 193 35.32 13.97 -14.57
C SER B 193 36.69 14.19 -15.22
N SER C 3 17.64 -40.46 -8.81
CA SER C 3 16.97 -39.42 -8.02
C SER C 3 17.96 -38.30 -7.70
N ASP C 4 18.47 -38.28 -6.47
CA ASP C 4 19.56 -37.41 -6.04
C ASP C 4 19.11 -35.97 -6.10
N ASP C 5 19.76 -35.09 -6.88
CA ASP C 5 19.44 -33.67 -6.84
C ASP C 5 18.00 -33.41 -7.28
N LYS C 6 17.62 -33.91 -8.46
CA LYS C 6 16.33 -33.54 -9.01
C LYS C 6 15.19 -33.94 -8.07
N ALA C 7 15.37 -35.03 -7.33
CA ALA C 7 14.35 -35.44 -6.37
C ALA C 7 14.24 -34.47 -5.20
N ALA C 8 15.36 -33.92 -4.74
CA ALA C 8 15.31 -32.91 -3.69
C ALA C 8 14.57 -31.68 -4.17
N ILE C 9 14.83 -31.25 -5.40
CA ILE C 9 14.10 -30.11 -5.95
C ILE C 9 12.61 -30.42 -6.02
N LEU C 10 12.26 -31.67 -6.37
CA LEU C 10 10.85 -32.06 -6.37
C LEU C 10 10.23 -31.88 -4.98
N GLU C 11 10.94 -32.33 -3.94
CA GLU C 11 10.42 -32.15 -2.58
C GLU C 11 10.26 -30.67 -2.26
N LEU C 12 11.22 -29.84 -2.66
CA LEU C 12 11.13 -28.42 -2.39
C LEU C 12 9.89 -27.83 -3.07
N LYS C 13 9.63 -28.21 -4.32
CA LYS C 13 8.42 -27.74 -4.99
C LYS C 13 7.17 -28.19 -4.24
N THR C 14 7.16 -29.43 -3.76
CA THR C 14 6.02 -29.91 -2.99
C THR C 14 5.77 -29.01 -1.78
N TYR C 15 6.85 -28.67 -1.07
CA TYR C 15 6.71 -27.79 0.10
C TYR C 15 6.22 -26.41 -0.31
N LEU C 16 6.76 -25.87 -1.40
CA LEU C 16 6.36 -24.54 -1.86
C LEU C 16 4.87 -24.51 -2.19
N ARG C 17 4.32 -25.64 -2.63
CA ARG C 17 2.91 -25.69 -3.01
C ARG C 17 1.99 -25.55 -1.81
N THR C 18 2.44 -25.97 -0.63
CA THR C 18 1.62 -26.01 0.56
C THR C 18 1.77 -24.75 1.41
N MET C 19 2.61 -23.81 0.98
CA MET C 19 2.87 -22.59 1.75
C MET C 19 2.18 -21.39 1.10
N LYS C 20 0.91 -21.54 0.72
CA LYS C 20 0.21 -20.45 0.07
C LYS C 20 -0.32 -19.43 1.08
N SER C 21 -0.75 -19.91 2.25
CA SER C 21 -1.38 -19.08 3.29
C SER C 21 -0.91 -19.66 4.63
N ILE C 22 0.16 -19.09 5.18
CA ILE C 22 0.76 -19.65 6.39
C ILE C 22 1.21 -18.55 7.34
N ALA C 23 1.39 -18.97 8.59
CA ALA C 23 2.06 -18.18 9.61
C ALA C 23 3.20 -19.03 10.17
N VAL C 24 4.39 -18.43 10.23
CA VAL C 24 5.61 -19.15 10.58
C VAL C 24 6.31 -18.42 11.71
N ASP C 25 6.60 -19.14 12.78
CA ASP C 25 7.53 -18.62 13.78
C ASP C 25 8.96 -18.89 13.31
N PHE C 26 9.79 -17.85 13.26
CA PHE C 26 11.15 -18.02 12.75
C PHE C 26 12.14 -17.35 13.68
N THR C 27 13.34 -17.93 13.74
CA THR C 27 14.49 -17.40 14.44
C THR C 27 15.59 -17.07 13.43
N GLN C 28 16.24 -15.93 13.61
CA GLN C 28 17.26 -15.43 12.70
C GLN C 28 18.52 -15.14 13.49
N GLU C 29 19.64 -15.73 13.08
CA GLU C 29 20.92 -15.53 13.72
C GLU C 29 21.95 -15.11 12.69
N ASP C 30 22.98 -14.39 13.14
CA ASP C 30 24.01 -13.87 12.27
C ASP C 30 25.38 -14.29 12.79
N SER C 31 26.42 -13.91 12.06
CA SER C 31 27.77 -14.25 12.47
C SER C 31 28.18 -13.53 13.74
N LYS C 32 27.49 -12.46 14.10
CA LYS C 32 27.80 -11.74 15.33
C LYS C 32 27.18 -12.37 16.57
N GLY C 33 26.36 -13.41 16.40
CA GLY C 33 25.76 -14.08 17.53
C GLY C 33 24.36 -13.59 17.85
N ASN C 34 23.93 -12.50 17.20
CA ASN C 34 22.64 -11.92 17.47
C ASN C 34 21.52 -12.88 17.12
N ILE C 35 20.49 -12.92 17.97
CA ILE C 35 19.32 -13.76 17.74
C ILE C 35 18.07 -12.89 17.81
N VAL C 36 17.25 -12.95 16.79
CA VAL C 36 15.98 -12.22 16.78
C VAL C 36 14.92 -13.16 16.23
N GLN C 37 13.72 -13.10 16.78
CA GLN C 37 12.61 -13.90 16.31
C GLN C 37 11.53 -13.04 15.70
N GLY C 38 10.66 -13.70 14.95
CA GLY C 38 9.56 -12.99 14.32
C GLY C 38 8.53 -13.95 13.76
N LYS C 39 7.48 -13.36 13.21
CA LYS C 39 6.39 -14.08 12.59
C LYS C 39 6.38 -13.72 11.11
N LEU C 40 6.42 -14.73 10.25
CA LEU C 40 6.36 -14.55 8.81
C LEU C 40 4.97 -14.99 8.35
N LEU C 41 4.23 -14.07 7.78
CA LEU C 41 2.90 -14.35 7.25
C LEU C 41 2.99 -14.32 5.73
N ILE C 42 2.48 -15.36 5.10
CA ILE C 42 2.43 -15.44 3.64
C ILE C 42 0.98 -15.64 3.24
N SER C 43 0.48 -14.79 2.36
CA SER C 43 -0.85 -14.91 1.76
C SER C 43 -0.64 -14.72 0.26
N LYS C 44 -0.32 -15.81 -0.43
CA LYS C 44 -0.17 -15.75 -1.88
C LYS C 44 -1.52 -15.43 -2.50
N PRO C 45 -1.53 -14.82 -3.68
CA PRO C 45 -0.40 -14.65 -4.60
C PRO C 45 0.62 -13.55 -4.25
N TYR C 46 0.28 -12.43 -3.60
CA TYR C 46 1.24 -11.34 -3.54
C TYR C 46 1.58 -10.85 -2.14
N ASN C 47 0.85 -11.26 -1.11
CA ASN C 47 0.98 -10.64 0.20
C ASN C 47 1.93 -11.39 1.12
N PHE C 48 2.79 -10.63 1.82
CA PHE C 48 3.56 -11.23 2.90
C PHE C 48 3.91 -10.15 3.91
N ARG C 49 4.17 -10.58 5.14
CA ARG C 49 4.61 -9.70 6.21
C ARG C 49 5.70 -10.40 7.01
N CYS C 50 6.88 -9.82 7.05
CA CYS C 50 7.96 -10.28 7.91
C CYS C 50 7.94 -9.37 9.13
N ASN C 51 7.51 -9.93 10.26
CA ASN C 51 7.25 -9.18 11.49
C ASN C 51 8.26 -9.61 12.55
N TYR C 52 9.37 -8.87 12.61
CA TYR C 52 10.33 -9.10 13.68
C TYR C 52 9.73 -8.61 15.00
N TYR C 53 9.94 -9.37 16.06
CA TYR C 53 9.37 -8.92 17.32
C TYR C 53 10.23 -7.84 17.95
N PRO C 54 9.65 -6.97 18.77
CA PRO C 54 10.45 -6.00 19.50
C PRO C 54 11.48 -6.70 20.35
N PRO C 55 12.62 -6.03 20.64
CA PRO C 55 13.00 -4.65 20.28
C PRO C 55 13.67 -4.53 18.91
N PHE C 56 13.48 -5.49 18.01
CA PHE C 56 14.11 -5.47 16.70
C PHE C 56 13.36 -4.55 15.75
N PRO C 57 13.88 -3.35 15.48
CA PRO C 57 13.08 -2.33 14.78
C PRO C 57 13.05 -2.52 13.27
N ILE C 58 12.31 -3.51 12.80
CA ILE C 58 12.19 -3.77 11.38
C ILE C 58 10.83 -4.40 11.11
N ILE C 59 10.13 -3.89 10.10
CA ILE C 59 8.92 -4.52 9.58
C ILE C 59 9.02 -4.53 8.07
N ILE C 60 8.71 -5.66 7.44
CA ILE C 60 8.69 -5.76 5.98
C ILE C 60 7.31 -6.18 5.53
N VAL C 61 6.71 -5.41 4.62
CA VAL C 61 5.39 -5.70 4.09
C VAL C 61 5.46 -5.74 2.57
N GLY C 62 4.96 -6.82 1.98
CA GLY C 62 4.97 -6.99 0.54
C GLY C 62 3.57 -7.20 0.00
N THR C 63 3.26 -6.52 -1.11
CA THR C 63 2.04 -6.66 -1.89
C THR C 63 2.44 -6.81 -3.35
N LYS C 64 1.46 -6.97 -4.23
CA LYS C 64 1.77 -7.07 -5.64
C LYS C 64 2.42 -5.78 -6.13
N ASN C 65 2.09 -4.65 -5.48
CA ASN C 65 2.56 -3.36 -5.96
C ASN C 65 3.99 -3.09 -5.51
N PHE C 66 4.32 -3.48 -4.28
CA PHE C 66 5.56 -3.05 -3.67
C PHE C 66 6.02 -4.03 -2.60
N VAL C 67 7.28 -3.89 -2.23
CA VAL C 67 7.86 -4.50 -1.03
C VAL C 67 8.57 -3.38 -0.26
N SER C 68 8.09 -3.09 0.94
CA SER C 68 8.60 -1.97 1.72
C SER C 68 9.12 -2.44 3.06
N MET C 69 10.09 -1.68 3.58
CA MET C 69 10.68 -1.90 4.88
C MET C 69 10.59 -0.63 5.69
N TYR C 70 10.29 -0.77 6.97
CA TYR C 70 10.32 0.34 7.91
C TYR C 70 11.21 -0.02 9.09
N ASP C 71 12.13 0.90 9.41
CA ASP C 71 13.04 0.79 10.54
C ASP C 71 12.55 1.79 11.59
N TYR C 72 12.03 1.25 12.70
CA TYR C 72 11.47 2.09 13.75
C TYR C 72 12.55 2.95 14.41
N ASP C 73 13.71 2.37 14.71
CA ASP C 73 14.76 3.12 15.39
C ASP C 73 15.26 4.26 14.51
N MET C 74 15.50 3.97 13.23
CA MET C 74 15.93 5.00 12.30
C MET C 74 14.76 5.82 11.76
N GLU C 75 13.52 5.40 12.03
CA GLU C 75 12.36 6.05 11.45
C GLU C 75 12.53 6.20 9.95
N GLN C 76 12.84 5.09 9.28
CA GLN C 76 13.20 5.14 7.87
C GLN C 76 12.34 4.17 7.06
N VAL C 77 11.91 4.62 5.89
CA VAL C 77 11.13 3.80 4.96
C VAL C 77 11.99 3.55 3.73
N SER C 78 12.02 2.29 3.29
CA SER C 78 12.82 1.89 2.15
C SER C 78 12.01 0.91 1.30
N ARG C 79 12.56 0.60 0.12
CA ARG C 79 11.93 -0.28 -0.84
C ARG C 79 12.93 -1.37 -1.22
N ILE C 80 12.43 -2.59 -1.36
CA ILE C 80 13.26 -3.78 -1.48
C ILE C 80 13.11 -4.32 -2.89
N ALA C 81 14.23 -4.44 -3.60
CA ALA C 81 14.21 -5.06 -4.91
C ALA C 81 13.75 -6.51 -4.77
N ARG C 82 12.97 -6.99 -5.75
CA ARG C 82 12.47 -8.35 -5.67
C ARG C 82 13.60 -9.36 -5.56
N ASP C 83 14.76 -9.04 -6.15
CA ASP C 83 15.89 -9.96 -6.10
C ASP C 83 16.55 -9.97 -4.72
N GLU C 84 16.59 -8.82 -4.06
CA GLU C 84 17.26 -8.65 -2.78
C GLU C 84 16.29 -8.76 -1.61
N ASN C 85 15.35 -9.69 -1.70
CA ASN C 85 14.40 -10.01 -0.65
C ASN C 85 14.81 -11.35 -0.05
N ILE C 86 14.89 -11.41 1.28
CA ILE C 86 15.45 -12.57 1.95
C ILE C 86 14.59 -13.80 1.76
N PHE C 87 13.28 -13.64 1.59
CA PHE C 87 12.36 -14.74 1.38
C PHE C 87 11.85 -14.78 -0.05
N ASN C 88 12.66 -14.32 -1.01
CA ASN C 88 12.18 -14.11 -2.37
C ASN C 88 11.52 -15.34 -2.97
N PHE C 89 12.21 -16.48 -2.95
CA PHE C 89 11.66 -17.66 -3.61
C PHE C 89 10.35 -18.11 -2.97
N LEU C 90 10.19 -17.89 -1.67
CA LEU C 90 8.96 -18.34 -1.02
C LEU C 90 7.73 -17.63 -1.58
N LEU C 91 7.89 -16.44 -2.15
CA LEU C 91 6.75 -15.76 -2.76
C LEU C 91 6.61 -16.10 -4.25
N GLU C 92 7.68 -16.57 -4.88
CA GLU C 92 7.68 -16.92 -6.29
C GLU C 92 6.82 -18.16 -6.50
N ASP C 93 6.12 -18.22 -7.64
CA ASP C 93 5.46 -19.46 -8.00
C ASP C 93 6.52 -20.54 -8.16
N ASN C 94 6.17 -21.77 -7.77
CA ASN C 94 7.15 -22.85 -7.75
C ASN C 94 7.75 -23.07 -9.13
N GLU C 95 6.95 -22.92 -10.18
CA GLU C 95 7.46 -23.15 -11.53
C GLU C 95 8.66 -22.26 -11.85
N ASN C 96 8.77 -21.11 -11.18
CA ASN C 96 9.84 -20.18 -11.49
C ASN C 96 11.14 -20.51 -10.80
N PHE C 97 11.15 -21.46 -9.86
CA PHE C 97 12.36 -21.72 -9.10
C PHE C 97 13.54 -21.98 -10.03
N ASP C 98 13.35 -22.90 -10.98
CA ASP C 98 14.43 -23.30 -11.88
C ASP C 98 14.93 -22.12 -12.71
N LYS C 99 14.08 -21.13 -12.96
CA LYS C 99 14.50 -20.00 -13.77
C LYS C 99 15.44 -19.06 -13.02
N ASP C 100 15.36 -19.03 -11.69
CA ASP C 100 16.16 -18.09 -10.92
C ASP C 100 17.34 -18.71 -10.20
N PHE C 101 17.26 -19.99 -9.85
CA PHE C 101 18.29 -20.63 -9.05
C PHE C 101 18.88 -21.80 -9.83
N VAL C 102 20.15 -22.06 -9.56
CA VAL C 102 20.87 -23.24 -10.05
C VAL C 102 21.35 -24.02 -8.85
N VAL C 103 21.14 -25.33 -8.89
CA VAL C 103 21.47 -26.20 -7.76
C VAL C 103 22.93 -26.57 -7.85
N GLU C 104 23.69 -26.19 -6.82
CA GLU C 104 25.09 -26.58 -6.75
C GLU C 104 25.22 -28.03 -6.31
N SER C 105 24.52 -28.40 -5.24
CA SER C 105 24.68 -29.76 -4.72
C SER C 105 23.52 -30.12 -3.81
N VAL C 106 23.38 -31.42 -3.55
CA VAL C 106 22.38 -31.92 -2.63
C VAL C 106 22.99 -33.06 -1.82
N VAL C 107 22.77 -33.04 -0.50
CA VAL C 107 23.22 -34.11 0.38
C VAL C 107 22.08 -34.50 1.32
N ASN C 108 21.89 -35.80 1.52
CA ASN C 108 20.79 -36.31 2.32
C ASN C 108 21.31 -37.06 3.53
N GLU C 109 20.77 -36.74 4.71
CA GLU C 109 21.03 -37.49 5.93
C GLU C 109 19.68 -37.82 6.54
N LYS C 110 19.26 -39.07 6.41
CA LYS C 110 17.98 -39.56 6.97
C LYS C 110 16.89 -38.62 6.47
N GLU C 111 16.04 -38.08 7.34
CA GLU C 111 14.92 -37.25 6.91
C GLU C 111 15.34 -35.88 6.41
N PHE C 112 16.60 -35.50 6.57
CA PHE C 112 17.07 -34.17 6.19
C PHE C 112 17.68 -34.18 4.80
N SER C 113 17.43 -33.12 4.04
CA SER C 113 18.04 -32.94 2.73
C SER C 113 18.55 -31.51 2.63
N ARG C 114 19.83 -31.34 2.34
CA ARG C 114 20.46 -30.04 2.20
C ARG C 114 20.65 -29.73 0.72
N ILE C 115 20.13 -28.59 0.28
CA ILE C 115 20.17 -28.16 -1.11
C ILE C 115 21.01 -26.90 -1.15
N ASN C 116 22.15 -26.95 -1.84
CA ASN C 116 23.06 -25.83 -2.01
C ASN C 116 22.78 -25.21 -3.37
N ILE C 117 22.39 -23.93 -3.37
CA ILE C 117 21.96 -23.21 -4.55
C ILE C 117 22.61 -21.83 -4.56
N TYR C 118 22.55 -21.17 -5.72
CA TYR C 118 22.94 -19.76 -5.81
C TYR C 118 22.05 -19.09 -6.85
N HIS C 119 21.69 -17.84 -6.56
CA HIS C 119 20.74 -17.12 -7.39
C HIS C 119 21.39 -16.72 -8.72
N LYS C 120 20.69 -17.02 -9.81
CA LYS C 120 21.26 -16.75 -11.14
C LYS C 120 21.43 -15.26 -11.38
N VAL C 121 20.65 -14.43 -10.69
CA VAL C 121 20.71 -12.97 -10.87
C VAL C 121 21.63 -12.33 -9.85
N THR C 122 21.38 -12.57 -8.56
CA THR C 122 22.15 -11.94 -7.50
C THR C 122 23.45 -12.65 -7.16
N GLU C 123 23.68 -13.85 -7.68
CA GLU C 123 24.93 -14.59 -7.49
C GLU C 123 25.24 -14.88 -6.03
N ARG C 124 24.24 -14.77 -5.16
CA ARG C 124 24.40 -15.06 -3.74
C ARG C 124 24.16 -16.54 -3.47
N HIS C 125 25.09 -17.17 -2.73
CA HIS C 125 24.96 -18.58 -2.42
C HIS C 125 24.02 -18.74 -1.23
N SER C 126 23.22 -19.79 -1.26
CA SER C 126 22.21 -20.05 -0.24
C SER C 126 22.07 -21.55 -0.02
N GLU C 127 21.61 -21.90 1.18
CA GLU C 127 21.36 -23.28 1.57
C GLU C 127 19.95 -23.44 2.10
N ILE C 128 19.23 -24.44 1.60
CA ILE C 128 17.88 -24.76 2.05
C ILE C 128 17.93 -26.17 2.62
N THR C 129 17.50 -26.31 3.87
CA THR C 129 17.43 -27.61 4.53
C THR C 129 15.98 -28.05 4.64
N LEU C 130 15.68 -29.25 4.16
CA LEU C 130 14.33 -29.79 4.11
C LEU C 130 14.23 -30.90 5.13
N ASN C 131 13.20 -30.87 5.97
CA ASN C 131 12.88 -31.96 6.88
C ASN C 131 11.74 -32.76 6.24
N LYS C 132 12.03 -33.98 5.80
CA LYS C 132 11.01 -34.80 5.16
C LYS C 132 10.05 -35.40 6.18
N ALA C 133 10.50 -35.57 7.42
CA ALA C 133 9.63 -36.11 8.45
C ALA C 133 8.43 -35.19 8.68
N ASN C 134 8.68 -33.88 8.71
CA ASN C 134 7.62 -32.90 8.87
C ASN C 134 7.23 -32.26 7.55
N LYS C 135 7.88 -32.64 6.46
CA LYS C 135 7.58 -32.14 5.12
C LYS C 135 7.58 -30.60 5.12
N GLN C 136 8.64 -30.02 5.67
CA GLN C 136 8.73 -28.57 5.70
C GLN C 136 10.17 -28.12 5.57
N ILE C 137 10.34 -26.89 5.08
CA ILE C 137 11.65 -26.25 5.12
C ILE C 137 11.97 -25.91 6.57
N GLU C 138 13.14 -26.34 7.05
CA GLU C 138 13.52 -26.10 8.44
C GLU C 138 14.59 -25.04 8.60
N LEU C 139 15.48 -24.85 7.61
CA LEU C 139 16.58 -23.91 7.75
C LEU C 139 16.87 -23.23 6.41
N LEU C 140 17.18 -21.95 6.48
CA LEU C 140 17.58 -21.14 5.33
C LEU C 140 18.87 -20.41 5.69
N LYS C 141 19.90 -20.53 4.87
CA LYS C 141 21.19 -19.89 5.14
C LYS C 141 21.62 -19.05 3.96
N ILE C 142 21.97 -17.79 4.24
CA ILE C 142 22.39 -16.82 3.23
C ILE C 142 23.80 -16.36 3.55
N PHE C 143 24.69 -16.43 2.56
CA PHE C 143 26.08 -16.01 2.69
C PHE C 143 26.18 -14.65 2.00
N GLU C 144 26.25 -13.57 2.79
CA GLU C 144 26.42 -12.23 2.26
C GLU C 144 27.81 -11.71 2.62
N ASP C 145 28.63 -11.46 1.59
CA ASP C 145 30.01 -11.01 1.76
C ASP C 145 30.74 -11.68 2.93
N THR C 146 30.70 -11.07 4.12
CA THR C 146 31.43 -11.58 5.28
C THR C 146 30.53 -11.98 6.45
N ASN C 147 29.25 -12.19 6.20
CA ASN C 147 28.25 -12.50 7.22
C ASN C 147 27.40 -13.66 6.75
N VAL C 148 27.06 -14.54 7.68
CA VAL C 148 26.17 -15.67 7.40
C VAL C 148 24.90 -15.46 8.21
N VAL C 149 23.76 -15.44 7.51
CA VAL C 149 22.45 -15.26 8.12
C VAL C 149 21.74 -16.61 8.11
N THR C 150 21.30 -17.05 9.29
CA THR C 150 20.59 -18.31 9.44
C THR C 150 19.17 -18.03 9.92
N ILE C 151 18.18 -18.52 9.18
CA ILE C 151 16.76 -18.42 9.51
C ILE C 151 16.21 -19.82 9.73
N LYS C 152 15.76 -20.11 10.94
CA LYS C 152 15.16 -21.40 11.24
C LYS C 152 13.65 -21.26 11.37
N PHE C 153 12.92 -22.11 10.65
CA PHE C 153 11.45 -22.11 10.68
C PHE C 153 11.01 -23.08 11.78
N ASP C 154 10.63 -22.53 12.93
CA ASP C 154 10.32 -23.36 14.09
C ASP C 154 8.93 -23.98 14.00
N ASN C 155 7.99 -23.34 13.32
CA ASN C 155 6.63 -23.85 13.25
C ASN C 155 5.90 -23.18 12.10
N ILE C 156 5.21 -23.99 11.29
CA ILE C 156 4.45 -23.55 10.12
C ILE C 156 3.00 -23.96 10.33
N VAL C 157 2.09 -22.99 10.22
CA VAL C 157 0.68 -23.23 10.47
C VAL C 157 -0.14 -22.68 9.31
N LYS C 158 -1.19 -23.40 8.92
CA LYS C 158 -2.06 -22.95 7.85
C LYS C 158 -3.05 -21.91 8.38
N VAL C 159 -3.22 -20.83 7.64
CA VAL C 159 -4.08 -19.72 8.03
C VAL C 159 -5.24 -19.63 7.04
N GLN C 160 -6.45 -19.51 7.56
CA GLN C 160 -7.65 -19.34 6.76
C GLN C 160 -8.08 -17.89 6.63
N LYS C 161 -7.61 -17.00 7.50
CA LYS C 161 -7.99 -15.60 7.44
C LYS C 161 -6.88 -14.71 7.99
N PHE C 162 -6.51 -13.69 7.21
CA PHE C 162 -5.57 -12.67 7.64
C PHE C 162 -6.31 -11.34 7.79
N ASP C 163 -6.01 -10.59 8.85
CA ASP C 163 -6.46 -9.20 8.89
C ASP C 163 -5.79 -8.44 7.75
N GLU C 164 -6.57 -7.72 6.96
CA GLU C 164 -6.02 -7.10 5.76
C GLU C 164 -4.94 -6.08 6.11
N ASP C 165 -5.11 -5.37 7.23
CA ASP C 165 -4.14 -4.34 7.61
C ASP C 165 -2.76 -4.92 7.92
N LEU C 166 -2.65 -6.24 8.07
CA LEU C 166 -1.36 -6.87 8.22
C LEU C 166 -0.47 -6.66 7.00
N PHE C 167 -1.06 -6.42 5.83
CA PHE C 167 -0.30 -6.29 4.60
C PHE C 167 -0.32 -4.87 4.03
N LYS C 168 -0.49 -3.87 4.87
CA LYS C 168 -0.40 -2.48 4.44
C LYS C 168 0.75 -1.78 5.15
N LEU C 169 1.51 -0.97 4.43
CA LEU C 169 2.55 -0.14 5.05
C LEU C 169 2.51 1.23 4.38
N LYS C 170 1.68 2.12 4.92
CA LYS C 170 1.46 3.45 4.38
C LYS C 170 2.54 4.42 4.85
N ASN C 171 2.80 5.44 4.02
CA ASN C 171 3.84 6.43 4.29
C ASN C 171 3.73 6.94 5.72
N PRO C 172 4.68 6.61 6.60
CA PRO C 172 4.59 7.09 7.99
C PRO C 172 4.65 8.60 8.12
N GLU C 173 5.22 9.31 7.14
CA GLU C 173 5.27 10.76 7.21
C GLU C 173 3.88 11.38 7.21
N ILE C 174 2.89 10.67 6.66
CA ILE C 174 1.53 11.15 6.55
C ILE C 174 0.60 10.42 7.51
N TYR C 175 0.63 9.09 7.49
CA TYR C 175 -0.29 8.28 8.28
C TYR C 175 0.31 7.84 9.61
N GLY C 176 1.55 8.19 9.90
CA GLY C 176 2.16 7.84 11.17
C GLY C 176 2.81 6.47 11.14
N VAL C 177 3.47 6.15 12.24
CA VAL C 177 4.20 4.88 12.31
C VAL C 177 3.24 3.72 12.12
N PRO C 178 3.63 2.69 11.36
CA PRO C 178 2.76 1.52 11.22
C PRO C 178 2.61 0.79 12.55
N GLU C 179 1.51 0.07 12.68
CA GLU C 179 1.30 -0.68 13.91
C GLU C 179 2.45 -1.64 14.13
N ARG C 180 3.05 -1.57 15.32
CA ARG C 180 4.10 -2.51 15.71
C ARG C 180 3.43 -3.62 16.51
N LEU C 181 3.67 -4.86 16.11
CA LEU C 181 2.96 -6.00 16.67
C LEU C 181 3.90 -6.91 17.43
N THR C 182 3.52 -7.25 18.66
CA THR C 182 4.19 -8.28 19.42
C THR C 182 3.70 -9.65 18.94
N LYS C 183 4.33 -10.69 19.47
CA LYS C 183 3.93 -12.06 19.11
C LYS C 183 2.47 -12.30 19.44
N SER C 184 2.05 -11.95 20.65
CA SER C 184 0.66 -12.19 21.05
C SER C 184 -0.28 -11.33 20.22
N GLU C 185 0.07 -10.05 20.01
CA GLU C 185 -0.82 -9.15 19.29
C GLU C 185 -1.02 -9.62 17.85
N ILE C 186 0.05 -10.04 17.18
CA ILE C 186 -0.09 -10.48 15.80
C ILE C 186 -0.88 -11.78 15.75
N GLU C 187 -0.67 -12.67 16.73
CA GLU C 187 -1.46 -13.89 16.76
C GLU C 187 -2.95 -13.58 16.90
N LYS C 188 -3.27 -12.44 17.50
CA LYS C 188 -4.68 -12.06 17.58
C LYS C 188 -5.27 -11.63 16.24
N LYS C 189 -4.43 -11.43 15.21
CA LYS C 189 -4.88 -10.83 13.95
C LYS C 189 -4.96 -11.84 12.81
N TYR C 190 -4.98 -13.13 13.11
CA TYR C 190 -5.25 -14.11 12.04
C TYR C 190 -5.80 -15.38 12.67
N VAL C 191 -6.55 -16.13 11.86
CA VAL C 191 -7.21 -17.36 12.30
C VAL C 191 -6.56 -18.52 11.54
N VAL C 192 -6.16 -19.55 12.28
CA VAL C 192 -5.54 -20.71 11.66
C VAL C 192 -6.63 -21.60 11.05
N SER C 193 -6.23 -22.43 10.10
CA SER C 193 -7.18 -23.30 9.42
C SER C 193 -7.62 -24.42 10.34
N SER C 194 -8.90 -24.79 10.23
CA SER C 194 -9.49 -25.84 11.05
C SER C 194 -9.10 -27.19 10.47
N SER C 195 -8.09 -27.81 11.07
CA SER C 195 -7.59 -29.10 10.60
C SER C 195 -8.68 -30.17 10.66
N ASP D 4 -29.15 -46.80 4.64
CA ASP D 4 -30.31 -45.92 4.57
C ASP D 4 -29.98 -44.86 3.53
N ASP D 5 -29.56 -45.30 2.35
CA ASP D 5 -29.10 -44.37 1.32
C ASP D 5 -30.24 -43.46 0.85
N LYS D 6 -31.45 -44.00 0.76
CA LYS D 6 -32.55 -43.18 0.27
C LYS D 6 -32.89 -42.08 1.26
N ALA D 7 -32.72 -42.33 2.56
CA ALA D 7 -32.99 -41.27 3.52
C ALA D 7 -31.99 -40.13 3.35
N ALA D 8 -30.74 -40.45 2.99
CA ALA D 8 -29.77 -39.40 2.71
C ALA D 8 -30.17 -38.58 1.50
N ILE D 9 -30.59 -39.25 0.42
CA ILE D 9 -31.07 -38.50 -0.75
C ILE D 9 -32.30 -37.66 -0.39
N LEU D 10 -33.19 -38.21 0.43
CA LEU D 10 -34.38 -37.48 0.85
C LEU D 10 -33.99 -36.23 1.63
N GLU D 11 -33.04 -36.37 2.56
CA GLU D 11 -32.58 -35.24 3.35
C GLU D 11 -31.94 -34.17 2.46
N LEU D 12 -31.14 -34.58 1.48
CA LEU D 12 -30.58 -33.62 0.55
C LEU D 12 -31.66 -32.86 -0.21
N LYS D 13 -32.67 -33.58 -0.70
CA LYS D 13 -33.74 -32.92 -1.43
C LYS D 13 -34.48 -31.94 -0.54
N THR D 14 -34.76 -32.35 0.69
CA THR D 14 -35.41 -31.45 1.63
C THR D 14 -34.58 -30.20 1.85
N TYR D 15 -33.26 -30.36 2.05
CA TYR D 15 -32.42 -29.20 2.28
C TYR D 15 -32.48 -28.24 1.11
N LEU D 16 -32.42 -28.76 -0.11
CA LEU D 16 -32.53 -27.86 -1.26
C LEU D 16 -33.89 -27.18 -1.29
N ARG D 17 -34.94 -27.86 -0.81
CA ARG D 17 -36.27 -27.26 -0.86
C ARG D 17 -36.49 -26.18 0.18
N THR D 18 -35.84 -26.28 1.35
CA THR D 18 -36.12 -25.33 2.43
C THR D 18 -35.08 -24.21 2.56
N MET D 19 -33.95 -24.30 1.86
CA MET D 19 -32.91 -23.27 1.93
C MET D 19 -32.98 -22.36 0.70
N LYS D 20 -34.12 -21.69 0.57
CA LYS D 20 -34.37 -20.83 -0.58
C LYS D 20 -33.72 -19.45 -0.45
N SER D 21 -33.55 -18.94 0.77
CA SER D 21 -33.04 -17.59 0.99
C SER D 21 -32.09 -17.64 2.18
N ILE D 22 -30.79 -17.75 1.90
CA ILE D 22 -29.77 -17.96 2.92
C ILE D 22 -28.52 -17.14 2.65
N ALA D 23 -27.73 -16.96 3.70
CA ALA D 23 -26.37 -16.40 3.64
C ALA D 23 -25.43 -17.37 4.33
N VAL D 24 -24.31 -17.67 3.67
CA VAL D 24 -23.38 -18.72 4.10
C VAL D 24 -21.97 -18.15 4.17
N ASP D 25 -21.35 -18.27 5.35
CA ASP D 25 -19.92 -18.07 5.50
C ASP D 25 -19.21 -19.37 5.14
N PHE D 26 -18.28 -19.32 4.18
CA PHE D 26 -17.60 -20.51 3.72
C PHE D 26 -16.09 -20.28 3.57
N THR D 27 -15.33 -21.35 3.77
CA THR D 27 -13.91 -21.41 3.48
C THR D 27 -13.70 -22.45 2.38
N GLN D 28 -12.85 -22.11 1.40
CA GLN D 28 -12.61 -22.95 0.24
C GLN D 28 -11.12 -23.20 0.13
N GLU D 29 -10.74 -24.48 0.13
CA GLU D 29 -9.35 -24.85 -0.03
C GLU D 29 -9.27 -25.92 -1.11
N ASP D 30 -8.10 -26.05 -1.73
CA ASP D 30 -7.88 -27.07 -2.75
C ASP D 30 -6.63 -27.88 -2.40
N SER D 31 -6.38 -28.92 -3.18
CA SER D 31 -5.21 -29.75 -2.95
C SER D 31 -3.92 -29.04 -3.31
N LYS D 32 -3.99 -27.98 -4.12
CA LYS D 32 -2.81 -27.22 -4.50
C LYS D 32 -2.41 -26.18 -3.46
N GLY D 33 -3.15 -26.08 -2.36
CA GLY D 33 -2.77 -25.24 -1.24
C GLY D 33 -3.44 -23.89 -1.15
N ASN D 34 -4.13 -23.44 -2.20
CA ASN D 34 -4.82 -22.15 -2.12
C ASN D 34 -5.99 -22.25 -1.14
N ILE D 35 -6.12 -21.25 -0.28
CA ILE D 35 -7.23 -21.15 0.67
C ILE D 35 -7.82 -19.74 0.59
N VAL D 36 -9.13 -19.65 0.41
CA VAL D 36 -9.83 -18.37 0.35
C VAL D 36 -11.15 -18.49 1.11
N GLN D 37 -11.57 -17.39 1.73
CA GLN D 37 -12.86 -17.34 2.39
C GLN D 37 -13.82 -16.43 1.64
N GLY D 38 -15.12 -16.62 1.89
CA GLY D 38 -16.10 -15.77 1.24
C GLY D 38 -17.48 -15.95 1.80
N LYS D 39 -18.41 -15.14 1.27
CA LYS D 39 -19.82 -15.18 1.63
C LYS D 39 -20.67 -15.51 0.42
N LEU D 40 -21.51 -16.54 0.56
CA LEU D 40 -22.43 -16.96 -0.49
C LEU D 40 -23.85 -16.61 -0.08
N LEU D 41 -24.52 -15.79 -0.88
CA LEU D 41 -25.92 -15.43 -0.68
C LEU D 41 -26.74 -16.16 -1.73
N ILE D 42 -27.79 -16.85 -1.29
CA ILE D 42 -28.68 -17.59 -2.17
C ILE D 42 -30.09 -17.05 -1.99
N SER D 43 -30.72 -16.68 -3.10
CA SER D 43 -32.12 -16.26 -3.17
C SER D 43 -32.68 -17.06 -4.36
N LYS D 44 -33.19 -18.26 -4.10
CA LYS D 44 -33.73 -19.08 -5.17
C LYS D 44 -34.95 -18.38 -5.77
N PRO D 45 -35.27 -18.67 -7.04
CA PRO D 45 -34.78 -19.78 -7.86
C PRO D 45 -33.40 -19.59 -8.49
N TYR D 46 -33.01 -18.38 -8.89
CA TYR D 46 -31.80 -18.24 -9.69
C TYR D 46 -30.80 -17.21 -9.14
N ASN D 47 -31.14 -16.49 -8.08
CA ASN D 47 -30.31 -15.36 -7.66
C ASN D 47 -29.26 -15.86 -6.68
N PHE D 48 -28.00 -15.48 -6.92
CA PHE D 48 -26.96 -15.77 -5.94
C PHE D 48 -25.81 -14.78 -6.08
N ARG D 49 -25.07 -14.62 -4.99
CA ARG D 49 -23.87 -13.79 -4.96
C ARG D 49 -22.80 -14.50 -4.16
N CYS D 50 -21.71 -14.88 -4.82
CA CYS D 50 -20.53 -15.45 -4.17
C CYS D 50 -19.47 -14.35 -4.09
N ASN D 51 -19.16 -13.93 -2.86
CA ASN D 51 -18.30 -12.78 -2.58
C ASN D 51 -17.02 -13.30 -1.93
N TYR D 52 -16.00 -13.56 -2.77
CA TYR D 52 -14.69 -13.95 -2.29
C TYR D 52 -13.89 -12.77 -1.78
N TYR D 53 -13.30 -12.93 -0.59
CA TYR D 53 -12.44 -12.00 0.12
C TYR D 53 -11.02 -12.14 -0.37
N PRO D 54 -10.16 -11.16 -0.11
CA PRO D 54 -8.72 -11.34 -0.35
C PRO D 54 -8.24 -12.59 0.34
N PRO D 55 -7.16 -13.24 -0.16
CA PRO D 55 -6.29 -12.79 -1.24
C PRO D 55 -6.82 -13.09 -2.65
N PHE D 56 -8.09 -13.39 -2.78
CA PHE D 56 -8.71 -13.61 -4.08
C PHE D 56 -10.01 -12.82 -4.09
N PRO D 57 -9.94 -11.51 -4.34
CA PRO D 57 -11.14 -10.67 -4.27
C PRO D 57 -11.93 -10.81 -5.55
N ILE D 58 -13.04 -11.53 -5.47
CA ILE D 58 -13.81 -11.90 -6.67
C ILE D 58 -15.29 -11.87 -6.31
N ILE D 59 -16.12 -11.43 -7.25
CA ILE D 59 -17.56 -11.53 -7.04
C ILE D 59 -18.19 -12.25 -8.23
N ILE D 60 -19.08 -13.18 -7.93
CA ILE D 60 -19.88 -13.92 -8.91
C ILE D 60 -21.33 -13.61 -8.59
N VAL D 61 -22.06 -13.09 -9.56
CA VAL D 61 -23.47 -12.75 -9.39
C VAL D 61 -24.28 -13.47 -10.44
N GLY D 62 -25.30 -14.20 -9.99
CA GLY D 62 -26.17 -14.93 -10.89
C GLY D 62 -27.60 -14.43 -10.75
N THR D 63 -28.26 -14.26 -11.89
CA THR D 63 -29.67 -13.90 -12.00
C THR D 63 -30.32 -14.88 -12.97
N LYS D 64 -31.60 -14.70 -13.24
CA LYS D 64 -32.28 -15.63 -14.15
C LYS D 64 -31.69 -15.59 -15.55
N ASN D 65 -31.22 -14.42 -15.99
CA ASN D 65 -30.72 -14.28 -17.35
C ASN D 65 -29.23 -14.51 -17.50
N PHE D 66 -28.41 -14.17 -16.51
CA PHE D 66 -26.98 -14.16 -16.69
C PHE D 66 -26.25 -14.59 -15.42
N VAL D 67 -25.00 -14.98 -15.60
CA VAL D 67 -24.06 -15.19 -14.49
C VAL D 67 -22.79 -14.43 -14.84
N SER D 68 -22.42 -13.48 -13.98
CA SER D 68 -21.32 -12.57 -14.26
C SER D 68 -20.25 -12.71 -13.18
N MET D 69 -19.00 -12.51 -13.60
CA MET D 69 -17.87 -12.56 -12.68
C MET D 69 -16.99 -11.33 -12.87
N TYR D 70 -16.54 -10.76 -11.74
CA TYR D 70 -15.55 -9.71 -11.77
C TYR D 70 -14.40 -10.08 -10.85
N ASP D 71 -13.18 -9.98 -11.37
CA ASP D 71 -11.94 -10.21 -10.64
C ASP D 71 -11.31 -8.85 -10.38
N TYR D 72 -11.34 -8.43 -9.11
CA TYR D 72 -10.81 -7.12 -8.73
C TYR D 72 -9.31 -7.03 -8.90
N ASP D 73 -8.57 -8.05 -8.47
CA ASP D 73 -7.12 -7.99 -8.61
C ASP D 73 -6.69 -7.96 -10.06
N MET D 74 -7.25 -8.84 -10.89
CA MET D 74 -6.90 -8.84 -12.30
C MET D 74 -7.72 -7.88 -13.14
N GLU D 75 -8.74 -7.24 -12.58
CA GLU D 75 -9.60 -6.38 -13.37
C GLU D 75 -10.14 -7.12 -14.60
N GLN D 76 -10.76 -8.28 -14.35
CA GLN D 76 -11.22 -9.14 -15.43
C GLN D 76 -12.72 -9.33 -15.30
N VAL D 77 -13.43 -9.23 -16.43
CA VAL D 77 -14.88 -9.33 -16.46
C VAL D 77 -15.29 -10.49 -17.35
N SER D 78 -16.26 -11.27 -16.88
CA SER D 78 -16.90 -12.26 -17.74
C SER D 78 -18.40 -12.26 -17.48
N ARG D 79 -19.16 -12.78 -18.45
CA ARG D 79 -20.60 -12.82 -18.31
C ARG D 79 -21.14 -13.85 -19.29
N ILE D 80 -22.00 -14.74 -18.80
CA ILE D 80 -22.51 -15.87 -19.57
C ILE D 80 -24.03 -15.89 -19.46
N ALA D 81 -24.72 -15.91 -20.60
CA ALA D 81 -26.16 -16.05 -20.53
C ALA D 81 -26.49 -17.36 -19.84
N ARG D 82 -27.38 -17.31 -18.84
CA ARG D 82 -27.70 -18.51 -18.07
C ARG D 82 -28.39 -19.56 -18.91
N ASP D 83 -29.33 -19.16 -19.78
CA ASP D 83 -30.16 -20.12 -20.51
C ASP D 83 -30.93 -20.84 -19.41
N GLU D 84 -30.96 -22.17 -19.37
CA GLU D 84 -31.50 -22.94 -18.25
C GLU D 84 -30.35 -23.82 -17.76
N ASN D 85 -29.48 -23.24 -16.92
CA ASN D 85 -28.35 -23.98 -16.38
C ASN D 85 -28.02 -23.48 -14.99
N ILE D 86 -28.02 -24.38 -14.02
CA ILE D 86 -27.67 -24.04 -12.65
C ILE D 86 -26.15 -23.94 -12.56
N PHE D 87 -25.64 -22.78 -12.12
CA PHE D 87 -24.21 -22.57 -11.98
C PHE D 87 -23.76 -22.60 -10.52
N ASN D 88 -24.50 -23.29 -9.67
CA ASN D 88 -24.25 -23.33 -8.24
C ASN D 88 -25.12 -24.44 -7.66
N PHE D 89 -24.52 -25.41 -6.97
CA PHE D 89 -25.31 -26.54 -6.51
C PHE D 89 -26.39 -26.10 -5.52
N LEU D 90 -26.09 -25.09 -4.70
CA LEU D 90 -27.07 -24.62 -3.71
C LEU D 90 -28.29 -24.03 -4.39
N LEU D 91 -28.19 -23.67 -5.67
CA LEU D 91 -29.33 -23.16 -6.41
C LEU D 91 -30.21 -24.27 -6.97
N GLU D 92 -29.77 -25.52 -6.94
CA GLU D 92 -30.53 -26.59 -7.57
C GLU D 92 -31.87 -26.77 -6.87
N ASP D 93 -32.93 -26.78 -7.67
CA ASP D 93 -34.25 -27.15 -7.17
C ASP D 93 -34.32 -28.67 -6.97
N ASN D 94 -35.05 -29.09 -5.93
CA ASN D 94 -35.15 -30.52 -5.66
C ASN D 94 -35.81 -31.26 -6.82
N GLU D 95 -36.84 -30.65 -7.41
CA GLU D 95 -37.57 -31.34 -8.49
C GLU D 95 -36.64 -31.72 -9.63
N ASN D 96 -35.63 -30.90 -9.91
CA ASN D 96 -34.70 -31.14 -11.00
C ASN D 96 -33.48 -31.93 -10.59
N PHE D 97 -33.29 -32.20 -9.30
CA PHE D 97 -32.03 -32.81 -8.85
C PHE D 97 -31.71 -34.09 -9.61
N ASP D 98 -32.64 -35.06 -9.58
CA ASP D 98 -32.39 -36.31 -10.30
C ASP D 98 -32.31 -36.09 -11.80
N LYS D 99 -32.96 -35.06 -12.32
CA LYS D 99 -32.87 -34.81 -13.76
C LYS D 99 -31.48 -34.29 -14.13
N ASP D 100 -30.78 -33.68 -13.18
CA ASP D 100 -29.49 -33.05 -13.46
C ASP D 100 -28.31 -33.82 -12.90
N PHE D 101 -28.50 -34.54 -11.79
CA PHE D 101 -27.44 -35.23 -11.10
C PHE D 101 -27.79 -36.71 -10.94
N VAL D 102 -26.77 -37.55 -10.85
CA VAL D 102 -26.94 -38.97 -10.55
C VAL D 102 -26.16 -39.30 -9.28
N VAL D 103 -26.80 -40.01 -8.36
CA VAL D 103 -26.23 -40.32 -7.06
C VAL D 103 -25.37 -41.57 -7.20
N GLU D 104 -24.07 -41.44 -6.93
CA GLU D 104 -23.17 -42.59 -6.98
C GLU D 104 -23.27 -43.45 -5.73
N SER D 105 -23.11 -42.84 -4.55
CA SER D 105 -23.06 -43.64 -3.33
C SER D 105 -23.27 -42.77 -2.10
N VAL D 106 -23.53 -43.43 -0.97
CA VAL D 106 -23.73 -42.75 0.31
C VAL D 106 -23.04 -43.54 1.42
N VAL D 107 -22.35 -42.83 2.31
CA VAL D 107 -21.71 -43.41 3.49
C VAL D 107 -22.09 -42.55 4.70
N ASN D 108 -22.53 -43.19 5.78
CA ASN D 108 -23.01 -42.47 6.95
C ASN D 108 -22.18 -42.86 8.17
N GLU D 109 -21.60 -41.86 8.83
CA GLU D 109 -20.88 -42.04 10.09
C GLU D 109 -21.27 -40.90 11.03
N LYS D 110 -21.84 -41.25 12.18
CA LYS D 110 -22.28 -40.30 13.21
C LYS D 110 -23.30 -39.36 12.58
N GLU D 111 -23.24 -38.05 12.84
CA GLU D 111 -24.17 -37.11 12.25
C GLU D 111 -23.85 -36.82 10.80
N PHE D 112 -22.70 -37.29 10.33
CA PHE D 112 -22.20 -36.95 9.01
C PHE D 112 -22.62 -38.00 7.99
N SER D 113 -23.04 -37.53 6.81
CA SER D 113 -23.34 -38.45 5.71
C SER D 113 -22.71 -37.86 4.45
N ARG D 114 -21.86 -38.64 3.79
CA ARG D 114 -21.17 -38.23 2.57
C ARG D 114 -21.88 -38.86 1.38
N ILE D 115 -22.28 -38.03 0.43
CA ILE D 115 -23.04 -38.43 -0.75
C ILE D 115 -22.19 -38.11 -1.97
N ASN D 116 -21.86 -39.15 -2.74
CA ASN D 116 -21.11 -39.00 -3.98
C ASN D 116 -22.10 -38.99 -5.14
N ILE D 117 -22.06 -37.90 -5.92
CA ILE D 117 -22.94 -37.65 -7.04
C ILE D 117 -22.09 -37.18 -8.22
N TYR D 118 -22.68 -37.18 -9.41
CA TYR D 118 -22.00 -36.59 -10.56
C TYR D 118 -23.02 -35.93 -11.47
N HIS D 119 -22.64 -34.78 -12.03
CA HIS D 119 -23.53 -34.03 -12.90
C HIS D 119 -23.64 -34.74 -14.25
N LYS D 120 -24.88 -34.97 -14.70
CA LYS D 120 -25.09 -35.78 -15.89
C LYS D 120 -24.55 -35.12 -17.15
N VAL D 121 -24.47 -33.80 -17.18
CA VAL D 121 -24.00 -33.10 -18.37
C VAL D 121 -22.50 -32.88 -18.33
N THR D 122 -22.01 -32.27 -17.26
CA THR D 122 -20.60 -31.97 -17.14
C THR D 122 -19.80 -33.17 -16.64
N GLU D 123 -20.46 -34.24 -16.21
CA GLU D 123 -19.83 -35.48 -15.74
C GLU D 123 -18.79 -35.21 -14.65
N ARG D 124 -18.90 -34.07 -13.98
CA ARG D 124 -17.99 -33.72 -12.89
C ARG D 124 -18.49 -34.36 -11.60
N HIS D 125 -17.61 -35.08 -10.93
CA HIS D 125 -17.93 -35.82 -9.72
C HIS D 125 -17.83 -34.90 -8.50
N SER D 126 -18.71 -35.08 -7.54
CA SER D 126 -18.72 -34.26 -6.34
C SER D 126 -19.17 -35.08 -5.13
N GLU D 127 -18.78 -34.60 -3.96
CA GLU D 127 -19.16 -35.19 -2.68
C GLU D 127 -19.81 -34.10 -1.83
N ILE D 128 -20.97 -34.42 -1.25
CA ILE D 128 -21.71 -33.49 -0.40
C ILE D 128 -21.77 -34.13 0.97
N THR D 129 -21.33 -33.41 2.00
CA THR D 129 -21.40 -33.91 3.36
C THR D 129 -22.53 -33.18 4.07
N LEU D 130 -23.45 -33.97 4.63
CA LEU D 130 -24.64 -33.47 5.28
C LEU D 130 -24.47 -33.69 6.77
N ASN D 131 -24.72 -32.65 7.56
CA ASN D 131 -24.81 -32.75 9.01
C ASN D 131 -26.28 -32.96 9.33
N LYS D 132 -26.61 -34.15 9.83
CA LYS D 132 -27.98 -34.51 10.12
C LYS D 132 -28.49 -33.87 11.40
N ALA D 133 -27.59 -33.49 12.32
CA ALA D 133 -28.04 -32.91 13.58
C ALA D 133 -28.81 -31.61 13.33
N ASN D 134 -28.27 -30.73 12.50
CA ASN D 134 -28.97 -29.52 12.08
C ASN D 134 -29.49 -29.60 10.64
N LYS D 135 -29.31 -30.73 9.96
CA LYS D 135 -29.83 -30.92 8.61
C LYS D 135 -29.35 -29.80 7.70
N GLN D 136 -28.02 -29.64 7.64
CA GLN D 136 -27.41 -28.61 6.81
C GLN D 136 -26.19 -29.18 6.11
N ILE D 137 -25.87 -28.62 4.94
CA ILE D 137 -24.64 -28.99 4.26
C ILE D 137 -23.45 -28.41 5.02
N GLU D 138 -22.50 -29.27 5.37
CA GLU D 138 -21.30 -28.84 6.08
C GLU D 138 -20.06 -28.84 5.20
N LEU D 139 -19.99 -29.71 4.21
CA LEU D 139 -18.81 -29.82 3.35
C LEU D 139 -19.24 -30.16 1.93
N LEU D 140 -18.56 -29.56 0.97
CA LEU D 140 -18.77 -29.84 -0.45
C LEU D 140 -17.41 -30.08 -1.08
N LYS D 141 -17.27 -31.19 -1.79
CA LYS D 141 -16.01 -31.54 -2.43
C LYS D 141 -16.23 -31.75 -3.93
N ILE D 142 -15.39 -31.10 -4.73
CA ILE D 142 -15.46 -31.13 -6.18
C ILE D 142 -14.15 -31.73 -6.68
N PHE D 143 -14.26 -32.78 -7.48
CA PHE D 143 -13.11 -33.53 -7.97
C PHE D 143 -12.81 -33.18 -9.43
N GLU D 144 -11.68 -32.51 -9.64
CA GLU D 144 -11.14 -32.20 -10.95
C GLU D 144 -10.00 -33.17 -11.23
N ASP D 145 -9.68 -33.31 -12.52
CA ASP D 145 -8.72 -34.32 -12.96
C ASP D 145 -7.57 -34.50 -11.97
N THR D 146 -6.84 -33.44 -11.69
CA THR D 146 -5.69 -33.53 -10.80
C THR D 146 -5.82 -32.70 -9.52
N ASN D 147 -7.03 -32.22 -9.21
CA ASN D 147 -7.17 -31.35 -8.05
C ASN D 147 -8.49 -31.61 -7.33
N VAL D 148 -8.47 -31.54 -6.00
CA VAL D 148 -9.70 -31.69 -5.22
C VAL D 148 -9.94 -30.36 -4.50
N VAL D 149 -11.12 -29.77 -4.72
CA VAL D 149 -11.50 -28.50 -4.13
C VAL D 149 -12.52 -28.78 -3.03
N THR D 150 -12.22 -28.31 -1.82
CA THR D 150 -13.10 -28.50 -0.67
C THR D 150 -13.63 -27.16 -0.18
N ILE D 151 -14.95 -27.07 -0.06
CA ILE D 151 -15.66 -25.91 0.47
C ILE D 151 -16.35 -26.34 1.76
N LYS D 152 -15.96 -25.75 2.87
CA LYS D 152 -16.59 -26.03 4.15
C LYS D 152 -17.53 -24.89 4.49
N PHE D 153 -18.76 -25.24 4.88
CA PHE D 153 -19.80 -24.26 5.17
C PHE D 153 -19.66 -23.88 6.65
N ASP D 154 -19.02 -22.73 6.90
CA ASP D 154 -18.71 -22.34 8.26
C ASP D 154 -19.94 -21.86 9.01
N ASN D 155 -20.92 -21.28 8.31
CA ASN D 155 -22.11 -20.82 9.01
C ASN D 155 -23.22 -20.57 8.01
N ILE D 156 -24.42 -21.08 8.30
CA ILE D 156 -25.58 -20.94 7.42
C ILE D 156 -26.67 -20.24 8.21
N VAL D 157 -27.18 -19.13 7.66
CA VAL D 157 -28.24 -18.35 8.29
C VAL D 157 -29.30 -18.05 7.24
N LYS D 158 -30.57 -18.12 7.63
CA LYS D 158 -31.65 -17.79 6.70
C LYS D 158 -31.82 -16.27 6.64
N VAL D 159 -32.05 -15.75 5.44
CA VAL D 159 -32.15 -14.32 5.19
C VAL D 159 -33.60 -13.97 4.88
N GLN D 160 -34.11 -12.91 5.51
CA GLN D 160 -35.47 -12.46 5.29
C GLN D 160 -35.57 -11.40 4.21
N LYS D 161 -34.50 -10.66 3.95
CA LYS D 161 -34.55 -9.59 2.97
C LYS D 161 -33.16 -9.35 2.42
N PHE D 162 -33.06 -9.31 1.08
CA PHE D 162 -31.83 -8.98 0.40
C PHE D 162 -31.98 -7.62 -0.29
N ASP D 163 -30.93 -6.80 -0.21
CA ASP D 163 -30.85 -5.62 -1.06
C ASP D 163 -30.76 -6.07 -2.52
N GLU D 164 -31.58 -5.48 -3.37
CA GLU D 164 -31.61 -5.93 -4.76
C GLU D 164 -30.24 -5.82 -5.41
N ASP D 165 -29.49 -4.77 -5.10
CA ASP D 165 -28.20 -4.56 -5.75
C ASP D 165 -27.19 -5.64 -5.39
N LEU D 166 -27.45 -6.45 -4.35
CA LEU D 166 -26.58 -7.59 -4.09
C LEU D 166 -26.58 -8.57 -5.26
N PHE D 167 -27.67 -8.61 -6.04
CA PHE D 167 -27.80 -9.51 -7.17
C PHE D 167 -27.76 -8.76 -8.49
N LYS D 168 -27.13 -7.59 -8.49
CA LYS D 168 -26.89 -6.83 -9.72
C LYS D 168 -25.39 -6.71 -9.94
N LEU D 169 -24.97 -6.92 -11.19
CA LEU D 169 -23.59 -6.68 -11.61
C LEU D 169 -23.62 -6.03 -12.98
N LYS D 170 -23.66 -4.70 -13.00
CA LYS D 170 -23.77 -3.97 -14.25
C LYS D 170 -22.42 -3.96 -14.95
N ASN D 171 -22.47 -3.98 -16.28
CA ASN D 171 -21.27 -4.07 -17.11
C ASN D 171 -20.22 -3.05 -16.67
N PRO D 172 -19.10 -3.49 -16.09
CA PRO D 172 -18.06 -2.52 -15.70
C PRO D 172 -17.48 -1.77 -16.88
N GLU D 173 -17.55 -2.34 -18.09
CA GLU D 173 -17.07 -1.61 -19.26
C GLU D 173 -17.89 -0.36 -19.50
N ILE D 174 -19.14 -0.35 -19.04
CA ILE D 174 -20.06 0.77 -19.20
C ILE D 174 -20.28 1.51 -17.88
N TYR D 175 -20.67 0.78 -16.83
CA TYR D 175 -21.00 1.39 -15.54
C TYR D 175 -19.87 1.39 -14.52
N GLY D 176 -18.72 0.81 -14.85
CA GLY D 176 -17.58 0.83 -13.95
C GLY D 176 -17.56 -0.33 -12.96
N VAL D 177 -16.43 -0.44 -12.26
CA VAL D 177 -16.20 -1.57 -11.37
C VAL D 177 -17.21 -1.56 -10.23
N PRO D 178 -17.77 -2.70 -9.84
CA PRO D 178 -18.68 -2.72 -8.68
C PRO D 178 -17.94 -2.48 -7.37
N GLU D 179 -18.70 -2.00 -6.38
CA GLU D 179 -18.18 -1.79 -5.04
C GLU D 179 -17.68 -3.11 -4.44
N ARG D 180 -16.53 -3.05 -3.78
CA ARG D 180 -15.99 -4.21 -3.08
C ARG D 180 -16.51 -4.24 -1.65
N LEU D 181 -17.00 -5.40 -1.23
CA LEU D 181 -17.65 -5.57 0.08
C LEU D 181 -16.81 -6.50 0.96
N THR D 182 -16.55 -6.05 2.19
CA THR D 182 -15.99 -6.89 3.22
C THR D 182 -17.10 -7.73 3.82
N LYS D 183 -16.73 -8.67 4.69
CA LYS D 183 -17.73 -9.46 5.40
C LYS D 183 -18.71 -8.54 6.14
N SER D 184 -18.18 -7.57 6.88
CA SER D 184 -19.03 -6.64 7.62
C SER D 184 -19.92 -5.82 6.68
N GLU D 185 -19.33 -5.33 5.59
CA GLU D 185 -20.07 -4.47 4.68
C GLU D 185 -21.21 -5.22 4.02
N ILE D 186 -20.95 -6.45 3.55
CA ILE D 186 -22.01 -7.20 2.89
C ILE D 186 -23.08 -7.59 3.91
N GLU D 187 -22.66 -7.92 5.14
CA GLU D 187 -23.64 -8.25 6.16
C GLU D 187 -24.57 -7.08 6.45
N LYS D 188 -24.10 -5.85 6.21
CA LYS D 188 -25.00 -4.71 6.41
C LYS D 188 -26.12 -4.63 5.36
N LYS D 189 -26.08 -5.44 4.29
CA LYS D 189 -27.03 -5.29 3.19
C LYS D 189 -28.07 -6.40 3.15
N TYR D 190 -28.28 -7.10 4.24
CA TYR D 190 -29.40 -8.04 4.32
C TYR D 190 -29.76 -8.25 5.78
N VAL D 191 -31.00 -8.68 6.00
CA VAL D 191 -31.56 -8.84 7.33
C VAL D 191 -31.72 -10.32 7.61
N VAL D 192 -31.21 -10.78 8.75
CA VAL D 192 -31.32 -12.18 9.11
C VAL D 192 -32.70 -12.46 9.71
N SER D 193 -33.13 -13.70 9.61
CA SER D 193 -34.42 -14.11 10.16
C SER D 193 -34.31 -14.25 11.68
CL CL E . -19.00 8.30 3.74
CL CL F . -4.56 11.68 3.99
CL CL G . 36.57 12.07 14.91
N GLY H . 20.89 -7.98 14.70
CA GLY H . 21.14 -8.00 13.26
C GLY H . 20.49 -9.17 12.54
O GLY H . 20.26 -9.11 11.34
OXT GLY H . 20.19 -10.21 13.14
CL CL I . 16.67 -7.95 7.91
C1 PGE J . -13.39 -20.52 -8.23
O1 PGE J . -14.66 -21.06 -8.55
C2 PGE J . -13.50 -19.04 -7.97
O2 PGE J . -12.34 -18.48 -7.38
C3 PGE J . -11.66 -19.20 -6.36
C4 PGE J . -10.54 -18.43 -5.70
O4 PGE J . -6.83 -20.19 -7.98
C6 PGE J . -7.55 -20.25 -6.76
C5 PGE J . -8.57 -19.14 -6.78
O3 PGE J . -9.39 -19.26 -5.64
#